data_6VN4
#
_entry.id   6VN4
#
_cell.length_a   75.380
_cell.length_b   70.715
_cell.length_c   78.551
_cell.angle_alpha   90.000
_cell.angle_beta   93.400
_cell.angle_gamma   90.000
#
_symmetry.space_group_name_H-M   'P 1 21 1'
#
loop_
_entity.id
_entity.type
_entity.pdbx_description
1 polymer 'Ubiquitin carboxyl-terminal hydrolase 7'
2 non-polymer 3-({4-hydroxy-1-[(2R)-2-methyl-3-phenylpropanoyl]piperidin-4-yl}methyl)quinazolin-4(3H)-one
3 water water
#
_entity_poly.entity_id   1
_entity_poly.type   'polypeptide(L)'
_entity_poly.pdbx_seq_one_letter_code
;GSKKHTGYVGLKNQGATCYMNSLLQTLFFTNQLRKAVYMMPTEGDDSSKSVPLALQRVFYELQHSDKPVGTKKLTKSFGW
ETLDSFMQHDVQELCRVLLDNVENKMKGTCVEGTIPKLFRGKMVSYIQCKEVDYRSDRREDYYDIQLSIKGKKNIFESFV
DYVAVEQLDGDNKYDAGEHGLQEAEKGVKFLTLPPVLHLQLMRFMYDPQTDQNIKINDRFEFPEQLPLDEFLQKTDPKDP
ANYILHAVLVHSGDNHGGHYVVYLNPKGDGKWCKFDDDVVSRCTKEEAIEHNYGGHDDDLSVRHCTNAYMLVYIRESKLS
EVLQAVTDHDIPQQLVERLQEEKRIEAQKR
;
_entity_poly.pdbx_strand_id   A,B
#
loop_
_chem_comp.id
_chem_comp.type
_chem_comp.name
_chem_comp.formula
R4D non-polymer 3-({4-hydroxy-1-[(2R)-2-methyl-3-phenylpropanoyl]piperidin-4-yl}methyl)quinazolin-4(3H)-one 'C24 H27 N3 O3'
#
# COMPACT_ATOMS: atom_id res chain seq x y z
N SER A 2 22.43 13.34 -13.25
CA SER A 2 21.29 14.34 -13.33
C SER A 2 19.95 13.73 -12.90
N LYS A 3 19.01 14.59 -12.47
CA LYS A 3 17.64 14.18 -12.15
C LYS A 3 16.82 13.87 -13.39
N LYS A 4 16.87 14.78 -14.39
CA LYS A 4 16.10 14.64 -15.64
C LYS A 4 16.41 13.32 -16.40
N HIS A 5 17.65 12.83 -16.34
CA HIS A 5 18.03 11.48 -16.92
C HIS A 5 17.23 10.27 -16.40
N THR A 6 17.02 10.21 -15.09
CA THR A 6 16.49 9.03 -14.38
C THR A 6 15.19 9.21 -13.55
N GLY A 7 14.83 10.46 -13.24
CA GLY A 7 13.85 10.80 -12.20
C GLY A 7 14.39 10.98 -10.78
N TYR A 8 15.68 10.65 -10.55
CA TYR A 8 16.28 10.52 -9.21
C TYR A 8 17.51 11.37 -9.09
N VAL A 9 17.72 11.93 -7.91
CA VAL A 9 18.89 12.78 -7.67
C VAL A 9 19.93 12.00 -6.86
N GLY A 10 21.17 12.48 -6.97
CA GLY A 10 22.31 11.94 -6.24
C GLY A 10 22.64 12.59 -4.91
N LEU A 11 23.59 11.98 -4.23
CA LEU A 11 24.09 12.42 -2.95
C LEU A 11 25.45 13.02 -3.13
N LYS A 12 25.68 14.14 -2.45
CA LYS A 12 26.96 14.82 -2.46
C LYS A 12 28.04 13.88 -1.81
N ASN A 13 29.28 14.01 -2.29
CA ASN A 13 30.43 13.35 -1.70
C ASN A 13 31.05 14.38 -0.75
N GLN A 14 30.92 14.14 0.56
CA GLN A 14 31.32 15.10 1.62
C GLN A 14 32.19 14.44 2.67
N GLY A 15 33.22 13.74 2.19
CA GLY A 15 34.14 12.94 3.01
C GLY A 15 34.04 11.45 2.73
N ALA A 16 34.92 10.69 3.36
CA ALA A 16 35.01 9.23 3.21
C ALA A 16 33.94 8.46 4.03
N THR A 17 32.68 8.64 3.61
CA THR A 17 31.52 8.03 4.26
C THR A 17 31.23 6.63 3.75
N CYS A 18 32.00 6.19 2.76
CA CYS A 18 32.08 4.80 2.32
C CYS A 18 30.70 4.36 1.82
N TYR A 19 30.01 3.63 2.68
CA TYR A 19 28.80 2.90 2.38
C TYR A 19 27.59 3.76 2.68
N MET A 20 27.76 4.93 3.32
CA MET A 20 26.63 5.71 3.83
C MET A 20 25.67 6.13 2.73
N ASN A 21 26.22 6.74 1.68
CA ASN A 21 25.45 7.23 0.54
C ASN A 21 24.67 6.11 -0.18
N SER A 22 25.36 4.99 -0.44
CA SER A 22 24.74 3.73 -0.96
C SER A 22 23.51 3.25 -0.13
N LEU A 23 23.70 3.20 1.19
CA LEU A 23 22.64 2.80 2.12
C LEU A 23 21.49 3.78 2.17
N LEU A 24 21.82 5.07 2.27
CA LEU A 24 20.80 6.11 2.33
C LEU A 24 19.85 6.06 1.14
N GLN A 25 20.43 5.88 -0.04
CA GLN A 25 19.67 5.70 -1.25
C GLN A 25 18.79 4.44 -1.14
N THR A 26 19.37 3.33 -0.68
CA THR A 26 18.62 2.05 -0.39
C THR A 26 17.44 2.26 0.53
N LEU A 27 17.68 3.00 1.64
CA LEU A 27 16.65 3.26 2.62
C LEU A 27 15.61 4.20 2.10
N PHE A 28 16.05 5.30 1.49
CA PHE A 28 15.16 6.17 0.72
C PHE A 28 14.19 5.45 -0.25
N PHE A 29 14.70 4.57 -1.13
CA PHE A 29 13.83 3.82 -2.10
C PHE A 29 13.04 2.61 -1.50
N THR A 30 13.19 2.37 -0.19
CA THR A 30 12.28 1.57 0.62
C THR A 30 11.11 2.48 0.97
N ASN A 31 10.22 2.67 -0.01
CA ASN A 31 9.17 3.72 0.04
C ASN A 31 8.33 3.70 1.34
N GLN A 32 7.98 2.52 1.84
CA GLN A 32 7.14 2.44 3.03
C GLN A 32 7.81 2.97 4.28
N LEU A 33 9.12 2.74 4.40
CA LEU A 33 9.95 3.36 5.42
C LEU A 33 9.90 4.90 5.30
N ARG A 34 10.14 5.38 4.09
CA ARG A 34 10.18 6.84 3.80
C ARG A 34 8.91 7.60 4.26
N LYS A 35 7.74 7.05 3.92
CA LYS A 35 6.45 7.64 4.33
C LYS A 35 6.37 7.78 5.83
N ALA A 36 6.78 6.72 6.51
CA ALA A 36 6.82 6.65 7.96
C ALA A 36 7.82 7.58 8.65
N VAL A 37 8.98 7.75 8.03
CA VAL A 37 9.98 8.75 8.46
C VAL A 37 9.37 10.17 8.42
N TYR A 38 8.72 10.48 7.29
CA TYR A 38 8.04 11.77 7.13
C TYR A 38 7.04 12.09 8.23
N MET A 39 6.37 11.07 8.77
CA MET A 39 5.31 11.28 9.79
C MET A 39 5.78 11.43 11.24
N MET A 40 7.08 11.53 11.47
CA MET A 40 7.60 11.45 12.82
C MET A 40 7.44 12.80 13.49
N PRO A 41 7.00 12.85 14.78
CA PRO A 41 6.73 14.12 15.43
C PRO A 41 8.03 14.83 15.87
N THR A 42 8.75 15.37 14.87
CA THR A 42 10.01 16.10 15.06
C THR A 42 9.74 17.61 15.21
N GLU A 43 8.87 17.93 16.16
CA GLU A 43 8.34 19.28 16.34
C GLU A 43 9.30 20.04 17.23
N GLY A 44 9.59 19.46 18.40
CA GLY A 44 10.45 20.07 19.41
C GLY A 44 11.96 19.96 19.23
N ASP A 45 12.39 19.13 18.28
CA ASP A 45 13.73 18.52 18.28
C ASP A 45 14.85 19.52 17.93
N ASP A 46 16.07 19.31 18.45
CA ASP A 46 17.24 20.16 18.14
C ASP A 46 17.67 19.92 16.68
N SER A 47 17.67 21.00 15.88
CA SER A 47 18.04 21.01 14.43
C SER A 47 19.39 20.35 14.04
N SER A 48 20.24 20.10 15.04
CA SER A 48 21.55 19.47 14.93
C SER A 48 21.64 18.11 15.60
N LYS A 49 21.20 18.01 16.88
CA LYS A 49 21.34 16.76 17.72
C LYS A 49 20.36 15.59 17.43
N SER A 50 19.31 15.85 16.67
CA SER A 50 18.24 14.89 16.36
C SER A 50 18.53 14.16 15.03
N VAL A 51 18.69 12.84 15.11
CA VAL A 51 18.91 11.97 13.96
C VAL A 51 17.64 11.83 13.08
N PRO A 52 16.45 11.61 13.71
CA PRO A 52 15.19 11.50 12.93
C PRO A 52 14.87 12.70 11.99
N LEU A 53 15.06 13.92 12.50
CA LEU A 53 14.93 15.14 11.66
C LEU A 53 15.88 15.08 10.50
N ALA A 54 17.15 14.82 10.81
CA ALA A 54 18.21 14.79 9.81
C ALA A 54 17.93 13.79 8.72
N LEU A 55 17.37 12.65 9.08
CA LEU A 55 16.93 11.69 8.08
C LEU A 55 15.71 12.22 7.33
N GLN A 56 14.79 12.86 8.01
CA GLN A 56 13.65 13.49 7.31
C GLN A 56 14.12 14.51 6.29
N ARG A 57 15.19 15.23 6.61
CA ARG A 57 15.78 16.23 5.69
C ARG A 57 16.40 15.60 4.44
N VAL A 58 17.20 14.55 4.63
CA VAL A 58 17.88 13.91 3.49
C VAL A 58 16.81 13.39 2.52
N PHE A 59 15.84 12.67 3.06
CA PHE A 59 14.74 12.11 2.29
C PHE A 59 13.94 13.22 1.57
N TYR A 60 13.53 14.27 2.29
CA TYR A 60 12.88 15.44 1.63
C TYR A 60 13.64 15.91 0.43
N GLU A 61 14.94 16.12 0.65
CA GLU A 61 15.80 16.73 -0.35
C GLU A 61 15.95 15.79 -1.53
N LEU A 62 16.14 14.51 -1.22
CA LEU A 62 16.24 13.48 -2.27
C LEU A 62 15.02 13.34 -3.14
N GLN A 63 13.85 13.56 -2.53
CA GLN A 63 12.57 13.56 -3.23
C GLN A 63 12.31 14.80 -4.11
N HIS A 64 12.75 15.98 -3.65
CA HIS A 64 12.41 17.30 -4.27
C HIS A 64 13.54 17.99 -5.08
N SER A 65 14.75 18.04 -4.50
CA SER A 65 15.86 18.75 -5.11
C SER A 65 16.23 18.20 -6.50
N ASP A 66 16.47 19.12 -7.44
CA ASP A 66 17.13 18.82 -8.73
C ASP A 66 18.63 18.53 -8.56
N LYS A 67 19.27 19.17 -7.58
CA LYS A 67 20.72 19.14 -7.41
C LYS A 67 21.11 18.10 -6.36
N PRO A 68 22.37 17.63 -6.37
CA PRO A 68 22.76 16.59 -5.40
C PRO A 68 22.59 17.03 -3.96
N VAL A 69 22.36 16.07 -3.10
CA VAL A 69 21.90 16.31 -1.73
C VAL A 69 23.03 16.08 -0.74
N GLY A 70 23.13 16.99 0.22
CA GLY A 70 24.16 16.96 1.26
C GLY A 70 23.73 16.21 2.51
N THR A 71 24.73 15.58 3.17
CA THR A 71 24.53 14.69 4.32
C THR A 71 25.24 15.17 5.60
N LYS A 72 25.88 16.34 5.58
CA LYS A 72 26.72 16.80 6.71
C LYS A 72 25.94 16.89 8.05
N LYS A 73 24.75 17.51 8.03
CA LYS A 73 23.89 17.58 9.25
C LYS A 73 23.53 16.18 9.83
N LEU A 74 23.45 15.17 8.96
CA LEU A 74 23.16 13.78 9.34
C LEU A 74 24.33 13.14 10.06
N THR A 75 25.52 13.19 9.43
CA THR A 75 26.77 12.69 10.05
C THR A 75 27.05 13.37 11.41
N LYS A 76 26.82 14.68 11.50
CA LYS A 76 26.87 15.38 12.83
C LYS A 76 25.83 14.87 13.81
N SER A 77 24.64 14.49 13.32
CA SER A 77 23.55 14.07 14.19
C SER A 77 23.76 12.72 14.86
N PHE A 78 24.36 11.75 14.18
CA PHE A 78 24.66 10.44 14.83
C PHE A 78 26.11 10.23 15.32
N GLY A 79 26.96 11.23 15.12
CA GLY A 79 28.28 11.32 15.75
C GLY A 79 29.39 10.50 15.14
N TRP A 80 29.34 10.27 13.82
CA TRP A 80 30.39 9.56 13.08
C TRP A 80 31.17 10.59 12.25
N GLU A 81 31.84 11.49 12.95
CA GLU A 81 32.58 12.65 12.38
C GLU A 81 34.13 12.47 12.41
N THR A 82 34.62 11.33 12.89
CA THR A 82 36.03 11.02 12.91
C THR A 82 36.46 10.23 11.67
N LEU A 83 37.75 10.34 11.40
CA LEU A 83 38.40 9.83 10.19
C LEU A 83 38.17 8.32 9.99
N ASP A 84 38.29 7.61 11.10
CA ASP A 84 38.12 6.16 11.10
C ASP A 84 36.70 5.67 11.42
N SER A 85 35.70 6.55 11.56
CA SER A 85 34.34 6.15 11.97
C SER A 85 33.74 5.10 11.05
N PHE A 86 33.52 5.49 9.80
CA PHE A 86 32.96 4.61 8.79
C PHE A 86 33.90 3.46 8.46
N MET A 87 35.20 3.76 8.35
CA MET A 87 36.24 2.74 8.14
C MET A 87 36.19 1.45 9.04
N GLN A 88 35.86 1.60 10.33
CA GLN A 88 35.93 0.50 11.32
C GLN A 88 34.60 -0.22 11.63
N HIS A 89 33.47 0.31 11.12
CA HIS A 89 32.13 -0.33 11.22
C HIS A 89 31.67 -1.03 9.94
N ASP A 90 30.71 -1.92 10.12
CA ASP A 90 29.99 -2.55 9.02
C ASP A 90 28.78 -1.71 8.61
N VAL A 91 28.34 -1.96 7.38
CA VAL A 91 27.14 -1.33 6.84
C VAL A 91 25.85 -1.57 7.65
N GLN A 92 25.74 -2.74 8.23
CA GLN A 92 24.58 -3.15 9.03
C GLN A 92 24.52 -2.40 10.36
N GLU A 93 25.69 -2.05 10.91
CA GLU A 93 25.80 -1.30 12.16
C GLU A 93 25.38 0.15 12.00
N LEU A 94 25.59 0.71 10.81
CA LEU A 94 25.11 2.03 10.48
C LEU A 94 23.60 1.99 10.28
N CYS A 95 23.15 0.98 9.54
CA CYS A 95 21.70 0.75 9.35
C CYS A 95 20.94 0.64 10.69
N ARG A 96 21.54 -0.06 11.66
CA ARG A 96 20.94 -0.23 13.00
C ARG A 96 20.87 1.09 13.74
N VAL A 97 21.96 1.88 13.70
CA VAL A 97 21.96 3.23 14.27
C VAL A 97 20.86 4.14 13.67
N LEU A 98 20.67 4.06 12.36
CA LEU A 98 19.64 4.83 11.74
C LEU A 98 18.24 4.33 12.07
N LEU A 99 18.00 3.03 11.90
CA LEU A 99 16.65 2.49 12.11
C LEU A 99 16.19 2.51 13.57
N ASP A 100 17.12 2.38 14.52
CA ASP A 100 16.75 2.40 15.95
C ASP A 100 16.26 3.78 16.33
N ASN A 101 16.97 4.82 15.91
CA ASN A 101 16.57 6.21 16.18
C ASN A 101 15.15 6.49 15.66
N VAL A 102 14.93 6.10 14.40
CA VAL A 102 13.64 6.15 13.74
C VAL A 102 12.58 5.40 14.56
N GLU A 103 12.77 4.08 14.75
CA GLU A 103 11.82 3.22 15.48
C GLU A 103 11.43 3.72 16.86
N ASN A 104 12.38 4.34 17.55
CA ASN A 104 12.11 4.92 18.87
C ASN A 104 11.30 6.19 18.81
N LYS A 105 11.53 7.04 17.79
CA LYS A 105 10.70 8.28 17.57
C LYS A 105 9.24 8.00 17.26
N MET A 106 9.01 6.88 16.58
CA MET A 106 7.69 6.42 16.20
C MET A 106 6.93 5.69 17.32
N LYS A 107 7.51 5.57 18.51
CA LYS A 107 6.79 5.00 19.67
C LYS A 107 5.75 6.01 20.13
N GLY A 108 4.57 5.49 20.50
CA GLY A 108 3.40 6.31 20.81
C GLY A 108 2.83 7.13 19.66
N THR A 109 2.96 6.61 18.44
CA THR A 109 2.63 7.28 17.17
C THR A 109 1.84 6.33 16.31
N CYS A 110 1.12 6.88 15.33
CA CYS A 110 0.40 6.08 14.32
C CYS A 110 1.24 5.11 13.50
N VAL A 111 2.50 5.51 13.36
CA VAL A 111 3.49 4.88 12.58
C VAL A 111 4.35 3.91 13.46
N GLU A 112 3.96 3.68 14.71
CA GLU A 112 4.63 2.72 15.60
C GLU A 112 4.77 1.36 14.97
N GLY A 113 5.98 0.79 15.11
CA GLY A 113 6.26 -0.57 14.72
C GLY A 113 6.61 -0.80 13.27
N THR A 114 6.72 0.26 12.45
CA THR A 114 6.96 0.14 10.99
C THR A 114 8.27 -0.52 10.71
N ILE A 115 9.29 -0.10 11.46
CA ILE A 115 10.65 -0.64 11.33
C ILE A 115 10.59 -2.17 11.51
N PRO A 116 10.02 -2.65 12.64
CA PRO A 116 9.95 -4.11 12.79
C PRO A 116 9.05 -4.82 11.78
N LYS A 117 7.96 -4.15 11.36
CA LYS A 117 7.03 -4.64 10.34
C LYS A 117 7.79 -4.93 9.04
N LEU A 118 8.70 -4.01 8.66
CA LEU A 118 9.47 -4.13 7.43
C LEU A 118 10.68 -5.09 7.46
N PHE A 119 11.43 -5.08 8.56
CA PHE A 119 12.79 -5.67 8.62
C PHE A 119 13.03 -6.80 9.66
N ARG A 120 12.13 -6.99 10.66
CA ARG A 120 12.29 -7.99 11.73
C ARG A 120 11.85 -9.35 11.23
N GLY A 121 12.79 -10.27 11.12
CA GLY A 121 12.47 -11.70 11.07
C GLY A 121 12.73 -12.41 12.40
N LYS A 122 12.26 -13.64 12.48
CA LYS A 122 12.37 -14.52 13.67
C LYS A 122 13.07 -15.83 13.27
N MET A 123 14.08 -16.23 14.06
CA MET A 123 14.77 -17.51 13.92
C MET A 123 14.90 -18.22 15.24
N VAL A 124 15.18 -19.53 15.15
CA VAL A 124 15.36 -20.42 16.30
C VAL A 124 16.82 -20.78 16.33
N SER A 125 17.36 -20.95 17.53
CA SER A 125 18.77 -21.41 17.75
C SER A 125 18.79 -22.68 18.65
N TYR A 126 18.45 -23.81 18.03
CA TYR A 126 18.36 -25.11 18.74
C TYR A 126 19.71 -25.64 19.17
N ILE A 127 19.75 -26.27 20.35
CA ILE A 127 20.88 -27.13 20.75
C ILE A 127 20.26 -28.47 21.19
N GLN A 128 20.62 -29.56 20.50
CA GLN A 128 20.07 -30.92 20.72
C GLN A 128 21.20 -31.88 21.13
N CYS A 129 21.08 -32.46 22.31
CA CYS A 129 21.98 -33.53 22.73
C CYS A 129 21.70 -34.83 21.96
N LYS A 130 22.76 -35.59 21.67
CA LYS A 130 22.64 -36.92 21.05
C LYS A 130 22.36 -38.03 22.07
N GLU A 131 23.26 -38.23 23.02
CA GLU A 131 23.27 -39.41 23.91
C GLU A 131 22.07 -39.48 24.90
N VAL A 132 22.03 -38.61 25.93
CA VAL A 132 20.82 -38.38 26.77
C VAL A 132 19.99 -37.30 26.10
N ASP A 133 18.66 -37.36 26.26
CA ASP A 133 17.76 -36.41 25.61
C ASP A 133 17.76 -35.13 26.43
N TYR A 134 18.08 -34.03 25.76
CA TYR A 134 17.80 -32.68 26.25
C TYR A 134 17.97 -31.73 25.07
N ARG A 135 17.02 -30.79 24.93
CA ARG A 135 17.00 -29.76 23.85
C ARG A 135 16.83 -28.33 24.44
N SER A 136 17.39 -27.34 23.73
CA SER A 136 17.18 -25.91 24.03
C SER A 136 16.78 -25.22 22.73
N ASP A 137 15.52 -24.76 22.65
CA ASP A 137 14.97 -23.95 21.54
C ASP A 137 14.70 -22.53 22.03
N ARG A 138 15.41 -21.57 21.45
CA ARG A 138 15.30 -20.15 21.82
C ARG A 138 15.12 -19.33 20.53
N ARG A 139 14.04 -18.55 20.47
CA ARG A 139 13.82 -17.65 19.35
C ARG A 139 14.69 -16.40 19.50
N GLU A 140 15.25 -15.94 18.38
CA GLU A 140 15.98 -14.68 18.31
C GLU A 140 15.33 -13.85 17.21
N ASP A 141 15.39 -12.54 17.36
CA ASP A 141 15.02 -11.61 16.28
C ASP A 141 16.27 -11.15 15.54
N TYR A 142 16.08 -10.80 14.26
CA TYR A 142 17.13 -10.20 13.42
C TYR A 142 16.50 -9.19 12.45
N TYR A 143 17.23 -8.09 12.21
CA TYR A 143 16.93 -7.05 11.17
C TYR A 143 17.79 -7.16 9.89
N ASP A 144 18.68 -8.14 9.89
CA ASP A 144 19.62 -8.36 8.82
C ASP A 144 20.34 -9.72 9.03
N ILE A 145 20.86 -10.28 7.94
CA ILE A 145 21.61 -11.57 7.93
C ILE A 145 23.01 -11.40 7.31
N GLN A 146 24.00 -12.06 7.87
CA GLN A 146 25.41 -12.00 7.38
C GLN A 146 25.77 -13.35 6.76
N LEU A 147 25.75 -13.43 5.42
CA LEU A 147 26.05 -14.70 4.71
C LEU A 147 27.55 -14.90 4.50
N SER A 148 28.06 -16.11 4.78
CA SER A 148 29.45 -16.48 4.49
C SER A 148 29.57 -16.69 2.97
N ILE A 149 30.66 -16.24 2.37
CA ILE A 149 30.90 -16.51 0.92
C ILE A 149 32.14 -17.33 0.57
N LYS A 150 33.10 -17.40 1.50
CA LYS A 150 34.38 -18.06 1.32
C LYS A 150 34.12 -19.49 0.92
N GLY A 151 34.40 -19.78 -0.35
CA GLY A 151 34.18 -21.11 -0.89
C GLY A 151 32.73 -21.54 -1.06
N LYS A 152 31.79 -20.60 -1.14
CA LYS A 152 30.39 -20.87 -1.54
C LYS A 152 30.24 -20.26 -2.92
N LYS A 153 29.66 -21.02 -3.85
CA LYS A 153 29.44 -20.58 -5.24
C LYS A 153 28.37 -19.47 -5.30
N ASN A 154 27.26 -19.62 -4.56
CA ASN A 154 26.11 -18.69 -4.64
C ASN A 154 25.29 -18.57 -3.35
N ILE A 155 24.26 -17.72 -3.39
CA ILE A 155 23.37 -17.49 -2.26
C ILE A 155 22.77 -18.77 -1.71
N PHE A 156 22.36 -19.66 -2.60
CA PHE A 156 21.90 -21.01 -2.20
C PHE A 156 22.84 -21.69 -1.16
N GLU A 157 24.10 -21.77 -1.53
CA GLU A 157 25.15 -22.39 -0.70
C GLU A 157 25.41 -21.63 0.61
N SER A 158 25.26 -20.31 0.60
CA SER A 158 25.27 -19.50 1.84
C SER A 158 24.14 -19.83 2.80
N PHE A 159 22.91 -19.89 2.31
CA PHE A 159 21.77 -20.28 3.16
C PHE A 159 21.91 -21.73 3.66
N VAL A 160 22.39 -22.64 2.79
CA VAL A 160 22.74 -24.01 3.23
C VAL A 160 23.70 -23.97 4.40
N ASP A 161 24.76 -23.18 4.28
CA ASP A 161 25.78 -23.05 5.32
C ASP A 161 25.21 -22.45 6.62
N TYR A 162 24.34 -21.44 6.49
CA TYR A 162 23.76 -20.75 7.65
C TYR A 162 23.01 -21.72 8.56
N VAL A 163 22.20 -22.58 7.96
CA VAL A 163 21.34 -23.57 8.69
C VAL A 163 21.94 -24.96 8.88
N ALA A 164 23.13 -25.19 8.38
CA ALA A 164 23.75 -26.50 8.44
C ALA A 164 23.98 -26.88 9.90
N VAL A 165 23.84 -28.17 10.18
CA VAL A 165 24.00 -28.69 11.52
C VAL A 165 25.50 -28.63 11.82
N GLU A 166 25.84 -27.98 12.94
CA GLU A 166 27.18 -27.99 13.55
C GLU A 166 27.21 -29.16 14.57
N GLN A 167 28.42 -29.56 14.95
CA GLN A 167 28.63 -30.65 15.93
C GLN A 167 29.53 -30.15 17.07
N LEU A 168 29.34 -30.74 18.25
CA LEU A 168 30.03 -30.37 19.51
C LEU A 168 30.51 -31.67 20.25
N ASP A 169 31.82 -31.89 20.30
CA ASP A 169 32.43 -33.07 20.92
C ASP A 169 33.81 -32.70 21.50
N GLY A 170 34.48 -33.70 22.07
CA GLY A 170 35.90 -33.61 22.49
C GLY A 170 36.22 -32.64 23.62
N ASP A 171 36.86 -31.51 23.30
CA ASP A 171 37.18 -30.44 24.26
C ASP A 171 36.00 -29.48 24.40
N ASN A 172 35.63 -28.78 23.32
CA ASN A 172 34.52 -27.79 23.33
C ASN A 172 33.16 -28.50 23.14
N LYS A 173 32.67 -29.09 24.24
CA LYS A 173 31.35 -29.79 24.32
C LYS A 173 30.24 -28.83 24.81
N TYR A 174 29.02 -29.35 25.00
CA TYR A 174 27.88 -28.56 25.49
C TYR A 174 27.53 -28.86 26.93
N ASP A 175 27.25 -27.80 27.69
CA ASP A 175 26.82 -27.84 29.10
C ASP A 175 25.30 -27.97 29.12
N ALA A 176 24.81 -29.21 29.22
CA ALA A 176 23.36 -29.50 29.36
C ALA A 176 22.84 -29.56 30.83
N GLY A 177 23.55 -28.88 31.75
CA GLY A 177 23.03 -28.50 33.06
C GLY A 177 22.94 -29.66 34.01
N GLU A 178 21.76 -30.25 34.04
CA GLU A 178 21.50 -31.44 34.85
C GLU A 178 22.26 -32.69 34.32
N HIS A 179 22.54 -32.72 33.02
CA HIS A 179 23.05 -33.90 32.31
C HIS A 179 24.57 -33.91 32.06
N GLY A 180 25.29 -32.93 32.61
CA GLY A 180 26.73 -32.82 32.47
C GLY A 180 27.11 -32.27 31.13
N LEU A 181 28.42 -32.17 30.87
CA LEU A 181 28.93 -31.66 29.58
C LEU A 181 28.67 -32.75 28.52
N GLN A 182 27.66 -32.54 27.67
CA GLN A 182 27.21 -33.58 26.72
C GLN A 182 27.67 -33.33 25.28
N GLU A 183 27.66 -34.42 24.49
CA GLU A 183 27.82 -34.39 23.02
C GLU A 183 26.46 -33.99 22.43
N ALA A 184 26.50 -33.14 21.39
CA ALA A 184 25.29 -32.44 20.91
C ALA A 184 25.45 -31.80 19.53
N GLU A 185 24.34 -31.71 18.79
CA GLU A 185 24.22 -30.88 17.57
C GLU A 185 23.71 -29.43 17.92
N LYS A 186 23.96 -28.47 17.03
CA LYS A 186 23.60 -27.03 17.21
C LYS A 186 23.27 -26.46 15.83
N GLY A 187 22.13 -25.81 15.69
CA GLY A 187 21.82 -25.13 14.45
C GLY A 187 20.89 -23.97 14.54
N VAL A 188 20.56 -23.45 13.35
CA VAL A 188 19.61 -22.36 13.14
C VAL A 188 18.62 -22.78 12.04
N LYS A 189 17.38 -22.32 12.20
CA LYS A 189 16.36 -22.40 11.14
C LYS A 189 15.55 -21.09 11.22
N PHE A 190 15.04 -20.63 10.08
CA PHE A 190 14.15 -19.46 9.99
C PHE A 190 12.70 -19.82 10.27
N LEU A 191 12.04 -19.01 11.11
CA LEU A 191 10.59 -19.10 11.31
C LEU A 191 9.83 -18.15 10.37
N THR A 192 10.38 -16.95 10.21
CA THR A 192 9.86 -15.97 9.30
C THR A 192 11.02 -15.19 8.71
N LEU A 193 10.84 -14.78 7.46
CA LEU A 193 11.73 -13.89 6.76
C LEU A 193 10.96 -12.58 6.53
N PRO A 194 11.59 -11.41 6.84
CA PRO A 194 10.86 -10.15 6.81
C PRO A 194 10.48 -9.73 5.40
N PRO A 195 9.55 -8.78 5.28
CA PRO A 195 9.22 -8.13 4.01
C PRO A 195 10.40 -7.56 3.26
N VAL A 196 11.39 -7.06 3.99
CA VAL A 196 12.56 -6.47 3.37
C VAL A 196 13.76 -7.14 4.01
N LEU A 197 14.49 -7.83 3.15
CA LEU A 197 15.51 -8.75 3.54
C LEU A 197 16.83 -8.10 3.24
N HIS A 198 17.51 -7.65 4.28
CA HIS A 198 18.86 -7.09 4.17
C HIS A 198 19.82 -8.26 4.34
N LEU A 199 20.58 -8.55 3.29
CA LEU A 199 21.64 -9.56 3.30
C LEU A 199 23.03 -8.91 3.16
N GLN A 200 23.96 -9.24 4.06
CA GLN A 200 25.36 -8.79 3.97
C GLN A 200 26.29 -9.97 3.67
N LEU A 201 27.24 -9.73 2.76
CA LEU A 201 28.17 -10.75 2.30
C LEU A 201 29.48 -10.63 3.08
N MET A 202 29.90 -11.70 3.76
CA MET A 202 31.08 -11.66 4.64
C MET A 202 32.37 -11.69 3.82
N ARG A 203 32.62 -10.56 3.11
CA ARG A 203 33.78 -10.40 2.24
C ARG A 203 35.06 -9.88 2.96
N PHE A 204 34.89 -9.19 4.08
CA PHE A 204 35.96 -8.55 4.85
C PHE A 204 36.16 -9.47 6.09
N MET A 205 36.93 -10.54 5.86
CA MET A 205 37.20 -11.59 6.84
C MET A 205 38.56 -11.35 7.45
N TYR A 206 38.73 -11.72 8.72
CA TYR A 206 40.02 -11.58 9.44
C TYR A 206 41.06 -12.56 8.87
N ASP A 207 42.33 -12.14 8.88
CA ASP A 207 43.50 -12.97 8.50
C ASP A 207 44.44 -12.95 9.73
N PRO A 208 44.64 -14.11 10.42
CA PRO A 208 45.52 -14.11 11.61
C PRO A 208 47.02 -13.78 11.34
N GLN A 209 47.50 -13.98 10.10
CA GLN A 209 48.89 -13.62 9.70
C GLN A 209 49.16 -12.11 9.70
N THR A 210 48.29 -11.36 9.03
CA THR A 210 48.43 -9.89 8.88
C THR A 210 47.90 -9.03 10.03
N ASP A 211 47.21 -9.62 11.01
CA ASP A 211 46.47 -8.87 12.06
C ASP A 211 45.61 -7.71 11.47
N GLN A 212 44.90 -8.05 10.40
CA GLN A 212 44.04 -7.12 9.65
C GLN A 212 42.93 -7.93 8.93
N ASN A 213 41.80 -7.26 8.63
CA ASN A 213 40.77 -7.82 7.73
C ASN A 213 41.23 -7.63 6.27
N ILE A 214 41.04 -8.65 5.43
CA ILE A 214 41.31 -8.61 3.96
C ILE A 214 40.02 -8.78 3.19
N LYS A 215 39.81 -7.97 2.15
CA LYS A 215 38.63 -8.14 1.30
C LYS A 215 38.87 -9.34 0.43
N ILE A 216 37.81 -10.11 0.26
CA ILE A 216 37.81 -11.29 -0.58
C ILE A 216 37.05 -10.87 -1.83
N ASN A 217 37.72 -10.94 -2.96
CA ASN A 217 37.15 -10.69 -4.30
C ASN A 217 36.76 -11.95 -5.08
N ASP A 218 36.69 -13.10 -4.41
CA ASP A 218 36.16 -14.34 -5.01
C ASP A 218 34.80 -14.10 -5.68
N ARG A 219 34.55 -14.83 -6.76
CA ARG A 219 33.25 -14.83 -7.44
C ARG A 219 32.15 -15.32 -6.46
N PHE A 220 31.00 -14.62 -6.43
CA PHE A 220 29.81 -15.01 -5.65
C PHE A 220 28.54 -14.58 -6.35
N GLU A 221 27.76 -15.56 -6.82
CA GLU A 221 26.57 -15.33 -7.63
C GLU A 221 25.35 -15.13 -6.76
N PHE A 222 24.47 -14.22 -7.16
CA PHE A 222 23.15 -14.05 -6.55
C PHE A 222 22.11 -13.84 -7.65
N PRO A 223 20.90 -14.40 -7.49
CA PRO A 223 19.94 -14.29 -8.56
C PRO A 223 19.14 -13.01 -8.48
N GLU A 224 18.40 -12.75 -9.54
CA GLU A 224 17.34 -11.76 -9.54
C GLU A 224 16.19 -12.23 -8.62
N GLN A 225 15.80 -13.51 -8.75
CA GLN A 225 14.64 -14.10 -8.05
C GLN A 225 15.11 -15.17 -7.07
N LEU A 226 14.64 -15.10 -5.82
CA LEU A 226 15.23 -15.85 -4.73
C LEU A 226 14.19 -16.67 -3.99
N PRO A 227 14.11 -17.99 -4.31
CA PRO A 227 13.21 -18.86 -3.59
C PRO A 227 13.87 -19.27 -2.29
N LEU A 228 13.37 -18.77 -1.18
CA LEU A 228 13.87 -19.14 0.15
C LEU A 228 12.97 -20.08 0.95
N ASP A 229 11.93 -20.66 0.35
CA ASP A 229 11.00 -21.57 1.08
C ASP A 229 11.72 -22.75 1.76
N GLU A 230 12.68 -23.34 1.06
CA GLU A 230 13.43 -24.52 1.58
C GLU A 230 14.21 -24.29 2.90
N PHE A 231 14.44 -23.02 3.27
CA PHE A 231 15.11 -22.61 4.52
C PHE A 231 14.21 -22.17 5.71
N LEU A 232 12.90 -22.46 5.63
CA LEU A 232 11.94 -22.21 6.73
C LEU A 232 11.59 -23.53 7.41
N GLN A 233 11.19 -23.45 8.69
CA GLN A 233 10.71 -24.61 9.44
C GLN A 233 9.28 -25.07 9.02
N LYS A 234 8.33 -24.14 8.83
CA LYS A 234 6.99 -24.44 8.27
C LYS A 234 6.68 -23.38 7.21
N THR A 235 6.42 -23.82 5.98
CA THR A 235 6.09 -22.91 4.87
C THR A 235 4.66 -22.41 5.02
N ASP A 236 4.29 -21.41 4.22
CA ASP A 236 2.89 -21.05 3.99
C ASP A 236 2.63 -21.23 2.50
N PRO A 237 1.67 -22.11 2.16
CA PRO A 237 1.19 -22.19 0.78
C PRO A 237 0.52 -20.90 0.24
N LYS A 238 -0.15 -20.15 1.11
CA LYS A 238 -0.75 -18.85 0.73
C LYS A 238 0.23 -17.66 0.59
N ASP A 239 1.41 -17.71 1.25
CA ASP A 239 2.49 -16.66 1.18
C ASP A 239 3.89 -17.34 1.13
N PRO A 240 4.29 -17.85 -0.07
CA PRO A 240 5.60 -18.49 -0.22
C PRO A 240 6.69 -17.43 -0.31
N ALA A 241 7.90 -17.83 0.05
CA ALA A 241 9.01 -16.90 0.31
C ALA A 241 9.90 -16.69 -0.91
N ASN A 242 9.28 -16.21 -1.99
CA ASN A 242 10.00 -15.81 -3.18
C ASN A 242 10.31 -14.36 -2.97
N TYR A 243 11.56 -14.01 -3.22
CA TYR A 243 12.10 -12.70 -2.94
C TYR A 243 12.67 -12.15 -4.26
N ILE A 244 12.48 -10.86 -4.48
CA ILE A 244 12.95 -10.12 -5.65
C ILE A 244 14.10 -9.24 -5.22
N LEU A 245 15.11 -9.09 -6.10
CA LEU A 245 16.31 -8.30 -5.82
C LEU A 245 16.00 -6.85 -6.08
N HIS A 246 16.21 -6.02 -5.06
CA HIS A 246 15.96 -4.57 -5.14
C HIS A 246 17.24 -3.73 -5.37
N ALA A 247 18.26 -3.98 -4.55
CA ALA A 247 19.49 -3.17 -4.51
C ALA A 247 20.74 -4.01 -4.38
N VAL A 248 21.75 -3.68 -5.13
CA VAL A 248 23.04 -4.32 -5.02
C VAL A 248 24.01 -3.25 -4.60
N LEU A 249 24.42 -3.27 -3.33
CA LEU A 249 25.42 -2.33 -2.84
C LEU A 249 26.76 -2.91 -3.23
N VAL A 250 27.58 -2.10 -3.89
CA VAL A 250 28.81 -2.54 -4.56
C VAL A 250 30.03 -1.74 -4.08
N HIS A 251 31.15 -2.47 -3.94
CA HIS A 251 32.47 -1.91 -3.67
C HIS A 251 33.58 -2.35 -4.65
N SER A 252 34.46 -1.41 -5.03
CA SER A 252 35.62 -1.65 -5.93
C SER A 252 36.91 -1.25 -5.24
N GLY A 253 37.95 -2.05 -5.45
CA GLY A 253 39.21 -1.96 -4.69
C GLY A 253 39.23 -3.01 -3.58
N ASP A 254 40.18 -2.87 -2.64
CA ASP A 254 40.39 -3.85 -1.53
C ASP A 254 40.31 -3.32 -0.07
N ASN A 255 39.82 -2.09 0.11
CA ASN A 255 39.88 -1.35 1.39
C ASN A 255 38.78 -0.26 1.46
N HIS A 256 38.66 0.39 2.62
CA HIS A 256 37.74 1.57 2.81
C HIS A 256 37.83 2.76 1.83
N GLY A 257 38.99 2.95 1.21
CA GLY A 257 39.19 4.00 0.21
C GLY A 257 38.30 3.65 -0.95
N GLY A 258 38.81 2.73 -1.79
CA GLY A 258 38.03 2.02 -2.81
C GLY A 258 37.00 2.85 -3.56
N HIS A 259 35.78 2.32 -3.73
CA HIS A 259 34.73 3.02 -4.53
C HIS A 259 33.38 2.35 -4.30
N TYR A 260 32.48 3.07 -3.63
CA TYR A 260 31.19 2.54 -3.22
C TYR A 260 30.10 3.01 -4.14
N VAL A 261 29.38 2.07 -4.73
CA VAL A 261 28.29 2.37 -5.66
C VAL A 261 27.10 1.57 -5.16
N VAL A 262 25.90 2.03 -5.49
CA VAL A 262 24.70 1.22 -5.31
C VAL A 262 23.89 1.20 -6.60
N TYR A 263 23.45 -0.01 -6.97
CA TYR A 263 22.59 -0.29 -8.10
C TYR A 263 21.26 -0.63 -7.50
N LEU A 264 20.22 -0.06 -8.06
CA LEU A 264 18.90 -0.19 -7.52
C LEU A 264 17.92 -0.37 -8.67
N ASN A 265 16.77 -0.87 -8.29
CA ASN A 265 15.68 -1.22 -9.18
C ASN A 265 14.47 -0.55 -8.51
N PRO A 266 14.48 0.80 -8.38
CA PRO A 266 13.68 1.53 -7.38
C PRO A 266 12.21 1.17 -7.29
N LYS A 267 11.57 1.08 -8.47
CA LYS A 267 10.16 0.69 -8.60
C LYS A 267 9.86 -0.84 -8.45
N GLY A 268 10.88 -1.70 -8.49
CA GLY A 268 10.69 -3.15 -8.55
C GLY A 268 10.28 -3.70 -9.92
N ASP A 269 10.30 -2.84 -10.94
CA ASP A 269 9.97 -3.22 -12.31
C ASP A 269 11.08 -4.14 -12.89
N GLY A 270 12.34 -3.73 -12.75
CA GLY A 270 13.50 -4.26 -13.48
C GLY A 270 14.13 -3.27 -14.49
N LYS A 271 13.79 -1.99 -14.38
CA LYS A 271 14.48 -0.93 -15.05
C LYS A 271 15.41 -0.35 -13.95
N TRP A 272 16.69 -0.77 -14.01
CA TRP A 272 17.72 -0.48 -12.99
C TRP A 272 18.50 0.84 -13.23
N CYS A 273 19.00 1.43 -12.14
CA CYS A 273 19.93 2.58 -12.18
C CYS A 273 21.08 2.38 -11.21
N LYS A 274 22.18 3.06 -11.54
CA LYS A 274 23.41 3.08 -10.80
C LYS A 274 23.52 4.45 -10.13
N PHE A 275 23.89 4.45 -8.85
CA PHE A 275 24.00 5.66 -8.02
C PHE A 275 25.44 5.79 -7.51
N ASP A 276 26.18 6.70 -8.14
CA ASP A 276 27.59 6.99 -7.81
C ASP A 276 27.66 8.43 -7.31
N ASP A 277 27.23 8.59 -6.06
CA ASP A 277 27.12 9.88 -5.38
C ASP A 277 26.21 10.83 -6.19
N ASP A 278 26.76 11.90 -6.77
CA ASP A 278 25.96 12.87 -7.55
C ASP A 278 25.47 12.41 -8.91
N VAL A 279 26.12 11.38 -9.46
CA VAL A 279 25.80 10.84 -10.78
C VAL A 279 24.85 9.68 -10.57
N VAL A 280 23.68 9.78 -11.20
CA VAL A 280 22.70 8.71 -11.26
C VAL A 280 22.50 8.45 -12.74
N SER A 281 22.98 7.30 -13.20
CA SER A 281 22.82 6.85 -14.60
C SER A 281 21.90 5.64 -14.69
N ARG A 282 21.19 5.53 -15.81
CA ARG A 282 20.49 4.29 -16.16
C ARG A 282 21.55 3.22 -16.54
N CYS A 283 21.20 1.94 -16.33
CA CYS A 283 22.10 0.81 -16.66
C CYS A 283 21.33 -0.49 -16.88
N THR A 284 22.06 -1.51 -17.31
CA THR A 284 21.44 -2.82 -17.60
C THR A 284 21.23 -3.60 -16.31
N LYS A 285 20.27 -4.54 -16.35
CA LYS A 285 20.17 -5.68 -15.40
C LYS A 285 21.55 -6.29 -15.13
N GLU A 286 22.35 -6.45 -16.20
CA GLU A 286 23.65 -7.13 -16.17
C GLU A 286 24.79 -6.26 -15.54
N GLU A 287 24.79 -4.94 -15.76
CA GLU A 287 25.71 -4.02 -15.04
C GLU A 287 25.44 -3.96 -13.52
N ALA A 288 24.21 -4.32 -13.14
CA ALA A 288 23.76 -4.39 -11.75
C ALA A 288 23.96 -5.75 -11.06
N ILE A 289 23.66 -6.85 -11.78
CA ILE A 289 23.69 -8.22 -11.25
C ILE A 289 25.04 -8.90 -11.62
N GLU A 290 25.12 -9.60 -12.75
CA GLU A 290 26.29 -10.46 -13.07
C GLU A 290 27.67 -9.75 -12.91
N HIS A 291 27.76 -8.47 -13.29
CA HIS A 291 29.04 -7.71 -13.28
C HIS A 291 29.60 -7.47 -11.88
N ASN A 292 28.77 -7.63 -10.85
CA ASN A 292 29.18 -7.57 -9.44
C ASN A 292 29.22 -8.94 -8.73
N TYR A 293 29.27 -10.00 -9.51
CA TYR A 293 29.49 -11.32 -8.98
C TYR A 293 30.93 -11.49 -8.52
N GLY A 294 31.89 -10.79 -9.15
CA GLY A 294 33.32 -10.97 -8.91
C GLY A 294 33.91 -12.02 -9.84
N GLY A 295 35.05 -12.60 -9.45
CA GLY A 295 35.79 -13.61 -10.24
C GLY A 295 37.03 -13.09 -10.94
N HIS A 304 38.28 -9.93 -10.29
CA HIS A 304 37.95 -8.50 -10.43
C HIS A 304 37.66 -7.93 -9.04
N CYS A 305 38.26 -6.77 -8.78
CA CYS A 305 38.09 -6.09 -7.50
C CYS A 305 36.67 -5.57 -7.25
N THR A 306 35.88 -5.30 -8.30
CA THR A 306 34.46 -4.84 -8.18
C THR A 306 33.50 -6.00 -7.85
N ASN A 307 32.83 -5.89 -6.71
CA ASN A 307 31.82 -6.87 -6.31
C ASN A 307 30.94 -6.41 -5.15
N ALA A 308 29.79 -7.08 -5.11
CA ALA A 308 28.72 -6.82 -4.17
C ALA A 308 29.11 -7.25 -2.75
N TYR A 309 28.85 -6.37 -1.78
CA TYR A 309 28.95 -6.70 -0.33
C TYR A 309 27.61 -6.81 0.39
N MET A 310 26.61 -6.10 -0.07
CA MET A 310 25.30 -6.15 0.52
C MET A 310 24.28 -6.18 -0.61
N LEU A 311 23.18 -6.87 -0.32
CA LEU A 311 22.04 -7.06 -1.19
C LEU A 311 20.78 -6.83 -0.41
N VAL A 312 19.80 -6.19 -1.06
CA VAL A 312 18.45 -6.01 -0.52
C VAL A 312 17.45 -6.75 -1.41
N TYR A 313 16.77 -7.72 -0.81
CA TYR A 313 15.66 -8.43 -1.45
C TYR A 313 14.32 -8.00 -0.80
N ILE A 314 13.30 -7.77 -1.62
CA ILE A 314 11.92 -7.57 -1.14
C ILE A 314 11.09 -8.79 -1.53
N ARG A 315 10.17 -9.19 -0.64
CA ARG A 315 9.30 -10.35 -0.84
C ARG A 315 8.19 -9.97 -1.81
N GLU A 316 7.97 -10.81 -2.83
CA GLU A 316 6.99 -10.55 -3.92
C GLU A 316 5.60 -10.22 -3.39
N SER A 317 5.15 -11.00 -2.42
CA SER A 317 3.89 -10.75 -1.74
C SER A 317 3.78 -9.34 -1.09
N LYS A 318 4.88 -8.77 -0.59
CA LYS A 318 4.87 -7.41 -0.03
C LYS A 318 5.50 -6.33 -0.91
N LEU A 319 5.79 -6.63 -2.18
CA LEU A 319 6.50 -5.69 -3.05
C LEU A 319 5.77 -4.38 -3.29
N SER A 320 4.48 -4.47 -3.57
CA SER A 320 3.68 -3.28 -3.90
C SER A 320 3.51 -2.39 -2.70
N GLU A 321 3.22 -3.03 -1.56
CA GLU A 321 3.13 -2.37 -0.27
C GLU A 321 4.47 -1.73 0.06
N VAL A 322 5.57 -2.50 -0.04
CA VAL A 322 6.89 -1.97 0.32
C VAL A 322 7.22 -0.79 -0.60
N LEU A 323 7.04 -0.99 -1.92
CA LEU A 323 7.31 0.05 -2.94
C LEU A 323 6.13 0.98 -3.31
N GLN A 324 5.14 1.09 -2.39
CA GLN A 324 3.95 1.94 -2.59
C GLN A 324 4.41 3.29 -3.05
N ALA A 325 3.71 3.84 -4.02
CA ALA A 325 4.10 5.14 -4.59
C ALA A 325 4.13 6.24 -3.54
N VAL A 326 5.00 7.22 -3.76
CA VAL A 326 5.11 8.41 -2.89
C VAL A 326 4.80 9.68 -3.70
N THR A 327 4.06 10.59 -3.07
CA THR A 327 3.70 11.89 -3.61
C THR A 327 4.30 12.95 -2.72
N ASP A 328 4.41 14.17 -3.26
CA ASP A 328 4.68 15.39 -2.47
C ASP A 328 3.68 15.68 -1.34
N HIS A 329 2.45 15.20 -1.52
CA HIS A 329 1.39 15.28 -0.49
C HIS A 329 1.63 14.37 0.75
N ASP A 330 2.51 13.35 0.63
CA ASP A 330 2.90 12.48 1.75
C ASP A 330 3.86 13.06 2.79
N ILE A 331 4.39 14.27 2.59
CA ILE A 331 5.21 14.96 3.63
C ILE A 331 4.32 15.99 4.36
N PRO A 332 4.22 15.92 5.72
CA PRO A 332 3.38 16.92 6.44
C PRO A 332 3.88 18.36 6.30
N GLN A 333 2.95 19.29 6.09
CA GLN A 333 3.29 20.68 5.75
C GLN A 333 4.03 21.44 6.85
N GLN A 334 3.78 21.14 8.13
CA GLN A 334 4.58 21.70 9.25
C GLN A 334 6.09 21.37 9.05
N LEU A 335 6.38 20.11 8.68
CA LEU A 335 7.75 19.67 8.33
C LEU A 335 8.28 20.25 7.03
N VAL A 336 7.46 20.21 5.98
CA VAL A 336 7.82 20.83 4.70
C VAL A 336 8.23 22.30 4.91
N GLU A 337 7.44 22.99 5.75
CA GLU A 337 7.70 24.39 6.13
C GLU A 337 9.04 24.54 6.83
N ARG A 338 9.23 23.78 7.91
CA ARG A 338 10.50 23.82 8.68
C ARG A 338 11.76 23.56 7.82
N LEU A 339 11.65 22.65 6.85
CA LEU A 339 12.77 22.33 5.96
C LEU A 339 13.08 23.50 4.99
N GLN A 340 12.03 24.01 4.33
CA GLN A 340 12.15 25.21 3.45
C GLN A 340 12.64 26.45 4.24
N GLU A 341 12.21 26.58 5.50
CA GLU A 341 12.69 27.62 6.46
C GLU A 341 14.20 27.55 6.71
N GLU A 342 14.71 26.32 6.81
CA GLU A 342 16.14 26.08 6.96
C GLU A 342 16.93 26.36 5.68
N LYS A 343 16.42 25.87 4.55
CA LYS A 343 16.91 26.26 3.19
C LYS A 343 17.06 27.81 3.02
N ARG A 344 16.06 28.56 3.53
CA ARG A 344 16.04 30.05 3.45
C ARG A 344 17.03 30.71 4.40
N ILE A 345 17.11 30.21 5.64
CA ILE A 345 18.13 30.70 6.63
C ILE A 345 19.57 30.47 6.09
N GLU A 346 19.86 29.25 5.60
CA GLU A 346 21.17 28.95 4.97
C GLU A 346 21.45 29.77 3.69
N ALA A 347 20.40 30.17 2.97
CA ALA A 347 20.52 31.11 1.84
C ALA A 347 21.00 32.52 2.26
N GLN A 348 20.59 33.01 3.46
CA GLN A 348 21.00 34.35 3.99
C GLN A 348 22.46 34.48 4.51
N LYS A 349 23.11 33.35 4.84
CA LYS A 349 24.50 33.35 5.36
C LYS A 349 25.62 33.36 4.30
N ARG A 350 25.43 32.60 3.20
CA ARG A 350 26.46 32.35 2.17
C ARG A 350 26.88 33.59 1.37
N GLY B 1 -20.13 -26.14 -3.43
CA GLY B 1 -19.48 -25.03 -2.68
C GLY B 1 -19.44 -23.71 -3.43
N SER B 2 -18.49 -22.86 -3.06
CA SER B 2 -18.37 -21.48 -3.60
C SER B 2 -17.02 -20.80 -3.32
N LYS B 3 -16.57 -20.85 -2.07
CA LYS B 3 -15.22 -20.34 -1.67
C LYS B 3 -14.03 -21.04 -2.32
N LYS B 4 -14.06 -22.38 -2.36
CA LYS B 4 -12.97 -23.17 -2.97
C LYS B 4 -12.83 -22.85 -4.49
N HIS B 5 -13.97 -22.65 -5.18
CA HIS B 5 -14.00 -22.22 -6.63
C HIS B 5 -13.19 -20.94 -6.98
N THR B 6 -13.38 -19.89 -6.18
CA THR B 6 -12.90 -18.53 -6.49
C THR B 6 -11.91 -17.90 -5.49
N GLY B 7 -11.81 -18.46 -4.28
CA GLY B 7 -11.21 -17.79 -3.12
C GLY B 7 -12.11 -16.90 -2.28
N TYR B 8 -13.35 -16.65 -2.72
CA TYR B 8 -14.27 -15.65 -2.15
C TYR B 8 -15.60 -16.27 -1.79
N VAL B 9 -16.19 -15.79 -0.71
CA VAL B 9 -17.46 -16.31 -0.23
C VAL B 9 -18.58 -15.36 -0.58
N GLY B 10 -19.79 -15.92 -0.61
CA GLY B 10 -21.01 -15.17 -0.86
C GLY B 10 -21.73 -14.61 0.37
N LEU B 11 -22.72 -13.80 0.08
CA LEU B 11 -23.60 -13.21 1.08
C LEU B 11 -24.95 -13.88 1.03
N LYS B 12 -25.53 -14.10 2.19
CA LYS B 12 -26.85 -14.69 2.27
C LYS B 12 -27.95 -13.76 1.71
N ASN B 13 -29.01 -14.38 1.20
CA ASN B 13 -30.22 -13.70 0.84
C ASN B 13 -31.14 -13.78 2.05
N GLN B 14 -31.26 -12.65 2.76
CA GLN B 14 -32.03 -12.55 4.02
C GLN B 14 -33.09 -11.44 3.96
N GLY B 15 -33.81 -11.39 2.84
CA GLY B 15 -34.79 -10.35 2.52
C GLY B 15 -34.48 -9.58 1.25
N ALA B 16 -35.43 -8.75 0.83
CA ALA B 16 -35.29 -7.89 -0.36
C ALA B 16 -34.40 -6.63 -0.12
N THR B 17 -33.10 -6.90 0.08
CA THR B 17 -32.10 -5.87 0.34
C THR B 17 -31.53 -5.29 -0.94
N CYS B 18 -31.96 -5.82 -2.09
CA CYS B 18 -31.74 -5.23 -3.41
C CYS B 18 -30.22 -5.15 -3.67
N TYR B 19 -29.70 -3.93 -3.50
CA TYR B 19 -28.37 -3.53 -3.93
C TYR B 19 -27.39 -3.73 -2.79
N MET B 20 -27.86 -4.05 -1.57
CA MET B 20 -27.01 -4.06 -0.36
C MET B 20 -25.86 -5.04 -0.45
N ASN B 21 -26.19 -6.27 -0.82
CA ASN B 21 -25.19 -7.34 -0.97
C ASN B 21 -24.14 -7.06 -2.06
N SER B 22 -24.61 -6.59 -3.22
CA SER B 22 -23.73 -6.08 -4.31
C SER B 22 -22.72 -5.00 -3.82
N LEU B 23 -23.23 -4.01 -3.08
CA LEU B 23 -22.41 -2.93 -2.54
C LEU B 23 -21.44 -3.41 -1.48
N LEU B 24 -21.96 -4.21 -0.55
CA LEU B 24 -21.11 -4.75 0.53
C LEU B 24 -19.87 -5.48 0.01
N GLN B 25 -20.10 -6.30 -1.01
CA GLN B 25 -19.02 -6.99 -1.69
C GLN B 25 -18.06 -5.97 -2.33
N THR B 26 -18.61 -4.95 -3.01
CA THR B 26 -17.81 -3.82 -3.59
C THR B 26 -16.95 -3.13 -2.56
N LEU B 27 -17.55 -2.83 -1.39
CA LEU B 27 -16.85 -2.16 -0.32
C LEU B 27 -15.83 -3.05 0.32
N PHE B 28 -16.23 -4.27 0.64
CA PHE B 28 -15.28 -5.31 1.06
C PHE B 28 -14.01 -5.44 0.17
N PHE B 29 -14.16 -5.57 -1.16
CA PHE B 29 -12.99 -5.67 -2.08
C PHE B 29 -12.26 -4.33 -2.40
N THR B 30 -12.72 -3.22 -1.81
CA THR B 30 -11.96 -1.98 -1.66
C THR B 30 -11.03 -2.20 -0.46
N ASN B 31 -9.95 -2.94 -0.70
CA ASN B 31 -9.07 -3.46 0.38
C ASN B 31 -8.58 -2.39 1.39
N GLN B 32 -8.24 -1.21 0.93
CA GLN B 32 -7.75 -0.16 1.83
C GLN B 32 -8.79 0.31 2.82
N LEU B 33 -10.04 0.42 2.36
CA LEU B 33 -11.18 0.65 3.25
C LEU B 33 -11.28 -0.44 4.32
N ARG B 34 -11.27 -1.69 3.87
CA ARG B 34 -11.40 -2.86 4.75
C ARG B 34 -10.39 -2.86 5.92
N LYS B 35 -9.12 -2.63 5.61
CA LYS B 35 -8.04 -2.55 6.62
C LYS B 35 -8.38 -1.53 7.70
N ALA B 36 -8.87 -0.38 7.25
CA ALA B 36 -9.20 0.73 8.13
C ALA B 36 -10.47 0.52 8.96
N VAL B 37 -11.45 -0.14 8.37
CA VAL B 37 -12.64 -0.64 9.10
C VAL B 37 -12.25 -1.54 10.28
N TYR B 38 -11.36 -2.50 10.00
CA TYR B 38 -10.83 -3.39 11.04
C TYR B 38 -10.19 -2.69 12.21
N MET B 39 -9.56 -1.53 11.96
CA MET B 39 -8.83 -0.79 13.00
C MET B 39 -9.68 0.11 13.91
N MET B 40 -11.00 0.11 13.75
CA MET B 40 -11.84 1.09 14.41
C MET B 40 -12.00 0.70 15.88
N PRO B 41 -11.92 1.69 16.82
CA PRO B 41 -12.00 1.35 18.24
C PRO B 41 -13.44 1.07 18.68
N THR B 42 -13.93 -0.13 18.29
CA THR B 42 -15.28 -0.62 18.63
C THR B 42 -15.23 -1.47 19.92
N GLU B 43 -14.68 -0.85 20.96
CA GLU B 43 -14.34 -1.53 22.20
C GLU B 43 -15.58 -1.52 23.06
N GLY B 44 -16.12 -0.31 23.30
CA GLY B 44 -17.28 -0.11 24.15
C GLY B 44 -18.66 -0.30 23.53
N ASP B 45 -18.70 -0.47 22.21
CA ASP B 45 -19.92 -0.27 21.40
C ASP B 45 -21.01 -1.33 21.65
N ASP B 46 -22.29 -0.94 21.48
CA ASP B 46 -23.43 -1.87 21.65
C ASP B 46 -23.45 -2.85 20.46
N SER B 47 -23.39 -4.13 20.79
CA SER B 47 -23.40 -5.27 19.84
C SER B 47 -24.55 -5.30 18.78
N SER B 48 -25.59 -4.47 19.01
CA SER B 48 -26.76 -4.29 18.15
C SER B 48 -26.91 -2.91 17.52
N LYS B 49 -26.66 -1.83 18.28
CA LYS B 49 -26.90 -0.42 17.83
C LYS B 49 -25.77 0.24 17.01
N SER B 50 -24.59 -0.37 16.98
CA SER B 50 -23.37 0.18 16.38
C SER B 50 -23.21 -0.34 14.94
N VAL B 51 -23.24 0.56 13.97
CA VAL B 51 -23.02 0.24 12.55
C VAL B 51 -21.57 -0.17 12.25
N PRO B 52 -20.56 0.58 12.79
CA PRO B 52 -19.14 0.21 12.57
C PRO B 52 -18.74 -1.24 12.95
N LEU B 53 -19.20 -1.70 14.11
CA LEU B 53 -18.98 -3.10 14.53
C LEU B 53 -19.60 -4.05 13.52
N ALA B 54 -20.85 -3.79 13.18
CA ALA B 54 -21.58 -4.65 12.26
C ALA B 54 -20.91 -4.75 10.94
N LEU B 55 -20.36 -3.65 10.47
CA LEU B 55 -19.56 -3.69 9.25
C LEU B 55 -18.25 -4.46 9.48
N GLN B 56 -17.62 -4.26 10.63
CA GLN B 56 -16.44 -5.06 10.96
C GLN B 56 -16.74 -6.54 10.97
N ARG B 57 -17.94 -6.91 11.43
CA ARG B 57 -18.39 -8.31 11.46
C ARG B 57 -18.58 -8.90 10.05
N VAL B 58 -19.26 -8.17 9.16
CA VAL B 58 -19.52 -8.68 7.81
C VAL B 58 -18.18 -8.94 7.11
N PHE B 59 -17.30 -7.93 7.13
CA PHE B 59 -15.99 -8.03 6.52
C PHE B 59 -15.15 -9.20 7.12
N TYR B 60 -15.08 -9.30 8.44
CA TYR B 60 -14.42 -10.48 9.08
C TYR B 60 -14.91 -11.78 8.48
N GLU B 61 -16.24 -11.90 8.44
CA GLU B 61 -16.86 -13.15 8.05
C GLU B 61 -16.59 -13.41 6.58
N LEU B 62 -16.71 -12.35 5.79
CA LEU B 62 -16.42 -12.43 4.36
C LEU B 62 -15.01 -12.83 4.05
N GLN B 63 -14.06 -12.40 4.89
CA GLN B 63 -12.65 -12.80 4.76
C GLN B 63 -12.34 -14.24 5.21
N HIS B 64 -13.02 -14.75 6.24
CA HIS B 64 -12.70 -16.05 6.91
C HIS B 64 -13.68 -17.22 6.62
N SER B 65 -14.98 -16.96 6.73
CA SER B 65 -16.00 -18.01 6.60
C SER B 65 -15.92 -18.74 5.24
N ASP B 66 -15.94 -20.07 5.28
CA ASP B 66 -16.22 -20.91 4.10
C ASP B 66 -17.66 -20.77 3.60
N LYS B 67 -18.62 -20.56 4.52
CA LYS B 67 -20.05 -20.60 4.21
C LYS B 67 -20.55 -19.19 3.96
N PRO B 68 -21.71 -19.01 3.27
CA PRO B 68 -22.22 -17.65 2.99
C PRO B 68 -22.46 -16.85 4.27
N VAL B 69 -22.38 -15.54 4.14
CA VAL B 69 -22.32 -14.63 5.29
C VAL B 69 -23.63 -13.90 5.43
N GLY B 70 -24.09 -13.77 6.68
CA GLY B 70 -25.35 -13.11 7.02
C GLY B 70 -25.18 -11.64 7.34
N THR B 71 -26.24 -10.86 7.04
CA THR B 71 -26.25 -9.39 7.13
C THR B 71 -27.33 -8.85 8.09
N LYS B 72 -28.12 -9.70 8.75
CA LYS B 72 -29.29 -9.26 9.55
C LYS B 72 -28.85 -8.22 10.66
N LYS B 73 -27.79 -8.53 11.42
CA LYS B 73 -27.25 -7.58 12.46
C LYS B 73 -26.88 -6.19 11.89
N LEU B 74 -26.43 -6.13 10.65
CA LEU B 74 -26.05 -4.88 9.97
C LEU B 74 -27.29 -4.05 9.65
N THR B 75 -28.21 -4.70 8.93
CA THR B 75 -29.58 -4.23 8.67
C THR B 75 -30.24 -3.63 9.93
N LYS B 76 -30.21 -4.36 11.05
CA LYS B 76 -30.70 -3.83 12.35
C LYS B 76 -29.93 -2.62 12.83
N SER B 77 -28.62 -2.57 12.55
CA SER B 77 -27.76 -1.54 13.08
C SER B 77 -27.97 -0.18 12.46
N PHE B 78 -28.29 -0.11 11.16
CA PHE B 78 -28.59 1.20 10.52
C PHE B 78 -30.07 1.53 10.25
N GLY B 79 -30.96 0.60 10.64
CA GLY B 79 -32.39 0.86 10.75
C GLY B 79 -33.19 0.84 9.46
N TRP B 80 -32.79 -0.01 8.50
CA TRP B 80 -33.53 -0.20 7.24
C TRP B 80 -34.21 -1.58 7.27
N GLU B 81 -35.15 -1.71 8.21
CA GLU B 81 -35.85 -3.00 8.52
C GLU B 81 -37.29 -3.08 7.98
N THR B 82 -37.74 -2.03 7.28
CA THR B 82 -39.07 -1.99 6.72
C THR B 82 -39.06 -2.42 5.25
N LEU B 83 -40.23 -2.85 4.83
CA LEU B 83 -40.49 -3.48 3.53
C LEU B 83 -40.02 -2.59 2.36
N ASP B 84 -40.35 -1.31 2.48
CA ASP B 84 -39.99 -0.31 1.48
C ASP B 84 -38.66 0.40 1.69
N SER B 85 -37.83 0.01 2.67
CA SER B 85 -36.58 0.74 2.98
C SER B 85 -35.64 0.83 1.78
N PHE B 86 -35.17 -0.32 1.35
CA PHE B 86 -34.26 -0.42 0.22
C PHE B 86 -34.93 -0.01 -1.09
N MET B 87 -36.18 -0.41 -1.27
CA MET B 87 -37.00 0.00 -2.43
C MET B 87 -37.06 1.53 -2.77
N GLN B 88 -37.13 2.38 -1.73
N GLN B 88 -37.15 2.39 -1.74
CA GLN B 88 -37.29 3.86 -1.85
CA GLN B 88 -37.32 3.86 -1.90
C GLN B 88 -35.99 4.69 -1.91
C GLN B 88 -35.99 4.67 -2.01
N HIS B 89 -34.85 4.08 -1.61
CA HIS B 89 -33.51 4.73 -1.67
C HIS B 89 -32.66 4.30 -2.87
N ASP B 90 -31.66 5.13 -3.16
CA ASP B 90 -30.64 4.84 -4.13
C ASP B 90 -29.45 4.13 -3.46
N VAL B 91 -28.68 3.44 -4.29
CA VAL B 91 -27.47 2.75 -3.85
C VAL B 91 -26.41 3.66 -3.19
N GLN B 92 -26.33 4.89 -3.65
CA GLN B 92 -25.36 5.88 -3.16
C GLN B 92 -25.74 6.38 -1.77
N GLU B 93 -27.05 6.41 -1.48
CA GLU B 93 -27.57 6.83 -0.18
C GLU B 93 -27.31 5.81 0.90
N LEU B 94 -27.28 4.53 0.52
CA LEU B 94 -26.87 3.45 1.43
C LEU B 94 -25.37 3.54 1.66
N CYS B 95 -24.62 3.72 0.57
CA CYS B 95 -23.16 3.90 0.66
C CYS B 95 -22.78 5.05 1.62
N ARG B 96 -23.52 6.16 1.55
CA ARG B 96 -23.26 7.33 2.41
C ARG B 96 -23.56 7.02 3.86
N VAL B 97 -24.67 6.31 4.13
CA VAL B 97 -24.98 5.85 5.48
C VAL B 97 -23.88 4.95 6.07
N LEU B 98 -23.35 4.05 5.26
CA LEU B 98 -22.28 3.21 5.71
C LEU B 98 -20.98 3.98 5.89
N LEU B 99 -20.58 4.71 4.86
CA LEU B 99 -19.29 5.41 4.92
C LEU B 99 -19.22 6.53 5.99
N ASP B 100 -20.34 7.20 6.25
CA ASP B 100 -20.35 8.29 7.24
C ASP B 100 -20.16 7.70 8.63
N ASN B 101 -20.84 6.61 8.93
CA ASN B 101 -20.68 5.95 10.23
C ASN B 101 -19.22 5.55 10.49
N VAL B 102 -18.60 4.90 9.51
CA VAL B 102 -17.18 4.53 9.62
C VAL B 102 -16.28 5.76 9.76
N GLU B 103 -16.39 6.73 8.84
CA GLU B 103 -15.56 7.96 8.86
C GLU B 103 -15.63 8.71 10.18
N ASN B 104 -16.80 8.69 10.82
CA ASN B 104 -16.96 9.30 12.14
C ASN B 104 -16.32 8.51 13.26
N LYS B 105 -16.37 7.17 13.21
CA LYS B 105 -15.65 6.30 14.21
C LYS B 105 -14.13 6.43 14.19
N MET B 106 -13.59 6.74 13.00
CA MET B 106 -12.18 6.96 12.77
C MET B 106 -11.68 8.35 13.15
N LYS B 107 -12.55 9.25 13.63
CA LYS B 107 -12.11 10.55 14.11
C LYS B 107 -11.34 10.36 15.42
N GLY B 108 -10.22 11.09 15.55
CA GLY B 108 -9.27 10.91 16.65
C GLY B 108 -8.53 9.57 16.69
N THR B 109 -8.28 9.00 15.52
CA THR B 109 -7.74 7.64 15.33
C THR B 109 -6.67 7.67 14.27
N CYS B 110 -5.78 6.68 14.30
CA CYS B 110 -4.72 6.54 13.30
C CYS B 110 -5.16 6.45 11.85
N VAL B 111 -6.33 5.85 11.67
CA VAL B 111 -6.98 5.76 10.38
C VAL B 111 -7.97 6.93 10.08
N GLU B 112 -7.85 8.06 10.76
CA GLU B 112 -8.66 9.25 10.46
C GLU B 112 -8.49 9.68 9.01
N GLY B 113 -9.63 10.02 8.38
CA GLY B 113 -9.65 10.58 7.05
C GLY B 113 -9.54 9.60 5.91
N THR B 114 -9.58 8.30 6.19
CA THR B 114 -9.41 7.26 5.15
C THR B 114 -10.48 7.33 4.12
N ILE B 115 -11.72 7.52 4.60
CA ILE B 115 -12.89 7.59 3.75
C ILE B 115 -12.73 8.74 2.76
N PRO B 116 -12.44 9.98 3.24
CA PRO B 116 -12.20 11.06 2.27
C PRO B 116 -10.97 10.86 1.38
N LYS B 117 -9.91 10.25 1.92
CA LYS B 117 -8.69 9.91 1.15
C LYS B 117 -9.05 9.05 -0.07
N LEU B 118 -9.96 8.09 0.12
CA LEU B 118 -10.38 7.15 -0.93
C LEU B 118 -11.41 7.65 -1.95
N PHE B 119 -12.43 8.38 -1.47
CA PHE B 119 -13.67 8.64 -2.23
C PHE B 119 -14.03 10.12 -2.48
N ARG B 120 -13.38 11.08 -1.80
CA ARG B 120 -13.67 12.54 -1.91
C ARG B 120 -12.98 13.14 -3.12
N GLY B 121 -13.76 13.58 -4.09
CA GLY B 121 -13.29 14.52 -5.12
C GLY B 121 -13.79 15.95 -4.89
N LYS B 122 -13.23 16.88 -5.67
CA LYS B 122 -13.54 18.32 -5.60
C LYS B 122 -14.00 18.82 -6.99
N MET B 123 -15.19 19.44 -7.03
CA MET B 123 -15.79 20.07 -8.22
C MET B 123 -15.85 21.56 -7.93
N VAL B 124 -15.99 22.31 -9.01
CA VAL B 124 -16.33 23.72 -8.94
C VAL B 124 -17.65 23.88 -9.68
N SER B 125 -18.47 24.83 -9.24
CA SER B 125 -19.85 25.05 -9.76
C SER B 125 -20.03 26.54 -10.14
N TYR B 126 -19.42 26.92 -11.27
CA TYR B 126 -19.36 28.31 -11.73
C TYR B 126 -20.70 28.86 -12.24
N ILE B 127 -20.95 30.14 -11.99
CA ILE B 127 -22.01 30.88 -12.69
C ILE B 127 -21.35 32.13 -13.25
N GLN B 128 -21.54 32.38 -14.56
CA GLN B 128 -20.89 33.48 -15.30
C GLN B 128 -21.93 34.27 -16.13
N CYS B 129 -22.12 35.56 -15.82
CA CYS B 129 -22.93 36.45 -16.67
C CYS B 129 -22.23 36.68 -18.00
N LYS B 130 -23.03 36.86 -19.06
CA LYS B 130 -22.52 37.26 -20.39
C LYS B 130 -22.39 38.79 -20.52
N GLU B 131 -23.53 39.50 -20.49
CA GLU B 131 -23.62 40.91 -20.92
C GLU B 131 -22.86 41.90 -20.01
N VAL B 132 -22.87 41.67 -18.69
CA VAL B 132 -22.04 42.41 -17.67
C VAL B 132 -21.15 41.42 -16.94
N ASP B 133 -19.98 41.85 -16.46
CA ASP B 133 -19.07 40.95 -15.75
C ASP B 133 -19.57 40.76 -14.33
N TYR B 134 -19.81 39.50 -14.00
CA TYR B 134 -19.84 39.02 -12.63
C TYR B 134 -19.75 37.50 -12.69
N ARG B 135 -18.94 36.90 -11.80
CA ARG B 135 -18.77 35.42 -11.70
C ARG B 135 -18.95 34.91 -10.25
N SER B 136 -19.41 33.67 -10.11
CA SER B 136 -19.47 32.97 -8.82
C SER B 136 -18.83 31.61 -9.01
N ASP B 137 -17.70 31.36 -8.31
CA ASP B 137 -16.96 30.08 -8.27
C ASP B 137 -16.96 29.52 -6.84
N ARG B 138 -17.57 28.36 -6.67
CA ARG B 138 -17.69 27.69 -5.37
C ARG B 138 -17.30 26.22 -5.50
N ARG B 139 -16.34 25.75 -4.69
CA ARG B 139 -15.99 24.33 -4.66
C ARG B 139 -17.07 23.55 -3.93
N GLU B 140 -17.36 22.37 -4.44
CA GLU B 140 -18.21 21.39 -3.76
C GLU B 140 -17.37 20.12 -3.63
N ASP B 141 -17.62 19.36 -2.57
CA ASP B 141 -17.08 18.02 -2.44
C ASP B 141 -18.13 17.00 -2.88
N TYR B 142 -17.65 15.85 -3.37
CA TYR B 142 -18.51 14.71 -3.73
C TYR B 142 -17.78 13.38 -3.41
N TYR B 143 -18.54 12.39 -2.93
CA TYR B 143 -18.10 10.98 -2.73
C TYR B 143 -18.58 9.98 -3.83
N ASP B 144 -19.35 10.52 -4.76
CA ASP B 144 -19.91 9.75 -5.86
C ASP B 144 -20.50 10.71 -6.92
N ILE B 145 -20.65 10.21 -8.15
CA ILE B 145 -21.20 10.96 -9.30
C ILE B 145 -22.40 10.22 -9.92
N GLN B 146 -23.42 10.96 -10.33
CA GLN B 146 -24.64 10.39 -10.94
C GLN B 146 -24.68 10.78 -12.44
N LEU B 147 -24.34 9.84 -13.33
CA LEU B 147 -24.28 10.12 -14.78
C LEU B 147 -25.66 9.93 -15.46
N SER B 148 -26.05 10.88 -16.33
CA SER B 148 -27.27 10.76 -17.14
C SER B 148 -26.98 9.76 -18.25
N ILE B 149 -27.94 8.91 -18.60
CA ILE B 149 -27.77 8.00 -19.74
C ILE B 149 -28.76 8.13 -20.89
N LYS B 150 -29.94 8.73 -20.64
CA LYS B 150 -31.05 8.77 -21.61
C LYS B 150 -30.53 9.51 -22.82
N GLY B 151 -30.38 8.78 -23.93
CA GLY B 151 -29.85 9.35 -25.16
C GLY B 151 -28.36 9.69 -25.16
N LYS B 152 -27.58 9.02 -24.29
CA LYS B 152 -26.10 9.09 -24.30
C LYS B 152 -25.63 7.68 -24.66
N LYS B 153 -24.71 7.58 -25.63
CA LYS B 153 -24.19 6.29 -26.11
C LYS B 153 -23.26 5.63 -25.08
N ASN B 154 -22.38 6.40 -24.43
CA ASN B 154 -21.38 5.84 -23.51
C ASN B 154 -20.93 6.81 -22.40
N ILE B 155 -20.00 6.35 -21.54
CA ILE B 155 -19.49 7.14 -20.41
C ILE B 155 -18.97 8.48 -20.89
N PHE B 156 -18.22 8.46 -22.00
CA PHE B 156 -17.73 9.70 -22.65
C PHE B 156 -18.82 10.80 -22.75
N GLU B 157 -19.92 10.42 -23.39
CA GLU B 157 -21.08 11.31 -23.61
C GLU B 157 -21.74 11.75 -22.30
N SER B 158 -21.75 10.89 -21.27
CA SER B 158 -22.18 11.30 -19.92
C SER B 158 -21.31 12.36 -19.28
N PHE B 159 -19.99 12.17 -19.32
CA PHE B 159 -19.07 13.19 -18.79
C PHE B 159 -19.15 14.50 -19.59
N VAL B 160 -19.31 14.41 -20.92
CA VAL B 160 -19.59 15.61 -21.75
C VAL B 160 -20.82 16.34 -21.24
N ASP B 161 -21.89 15.60 -21.01
CA ASP B 161 -23.16 16.16 -20.52
C ASP B 161 -23.02 16.79 -19.12
N TYR B 162 -22.28 16.14 -18.24
CA TYR B 162 -22.11 16.60 -16.85
C TYR B 162 -21.49 18.00 -16.81
N VAL B 163 -20.46 18.22 -17.62
CA VAL B 163 -19.72 19.52 -17.66
C VAL B 163 -20.18 20.54 -18.70
N ALA B 164 -21.14 20.15 -19.53
CA ALA B 164 -21.59 21.00 -20.61
C ALA B 164 -22.15 22.29 -20.03
N VAL B 165 -21.98 23.37 -20.79
CA VAL B 165 -22.44 24.68 -20.38
C VAL B 165 -23.97 24.66 -20.55
N GLU B 166 -24.67 24.84 -19.43
CA GLU B 166 -26.10 25.14 -19.39
C GLU B 166 -26.27 26.66 -19.65
N GLN B 167 -27.49 27.08 -20.00
CA GLN B 167 -27.81 28.50 -20.22
C GLN B 167 -28.96 28.98 -19.30
N LEU B 168 -29.01 30.30 -19.10
CA LEU B 168 -30.00 30.96 -18.24
C LEU B 168 -30.49 32.26 -18.95
N ASP B 169 -31.71 32.21 -19.49
CA ASP B 169 -32.32 33.33 -20.23
C ASP B 169 -33.81 33.46 -19.87
N GLY B 170 -34.45 34.45 -20.47
CA GLY B 170 -35.92 34.57 -20.53
C GLY B 170 -36.69 34.73 -19.23
N ASP B 171 -37.07 33.59 -18.64
CA ASP B 171 -37.78 33.49 -17.36
C ASP B 171 -36.82 33.07 -16.24
N ASN B 172 -36.29 31.84 -16.28
CA ASN B 172 -35.34 31.34 -15.27
C ASN B 172 -33.94 31.94 -15.48
N LYS B 173 -33.79 33.22 -15.11
CA LYS B 173 -32.53 34.00 -15.20
C LYS B 173 -31.76 33.91 -13.86
N TYR B 174 -30.59 34.56 -13.82
CA TYR B 174 -29.72 34.54 -12.64
C TYR B 174 -29.72 35.84 -11.85
N ASP B 175 -29.78 35.69 -10.52
CA ASP B 175 -29.75 36.79 -9.56
C ASP B 175 -28.28 37.12 -9.26
N ALA B 176 -27.73 38.09 -9.99
CA ALA B 176 -26.34 38.55 -9.79
C ALA B 176 -26.17 39.76 -8.83
N GLY B 177 -27.14 39.96 -7.91
CA GLY B 177 -26.97 40.75 -6.69
C GLY B 177 -26.97 42.24 -6.94
N GLU B 178 -25.76 42.83 -6.96
CA GLU B 178 -25.58 44.27 -7.27
C GLU B 178 -26.01 44.60 -8.72
N HIS B 179 -26.01 43.58 -9.61
CA HIS B 179 -26.20 43.71 -11.08
C HIS B 179 -27.60 43.41 -11.64
N GLY B 180 -28.53 42.97 -10.77
CA GLY B 180 -29.91 42.67 -11.16
C GLY B 180 -30.03 41.26 -11.68
N LEU B 181 -31.22 40.89 -12.13
CA LEU B 181 -31.45 39.53 -12.67
C LEU B 181 -30.82 39.42 -14.07
N GLN B 182 -29.61 38.85 -14.14
CA GLN B 182 -28.80 38.83 -15.38
C GLN B 182 -28.96 37.54 -16.18
N GLU B 183 -28.66 37.65 -17.48
CA GLU B 183 -28.49 36.50 -18.39
C GLU B 183 -27.05 35.97 -18.18
N ALA B 184 -26.90 34.64 -18.24
CA ALA B 184 -25.68 33.97 -17.74
C ALA B 184 -25.55 32.52 -18.18
N GLU B 185 -24.31 32.02 -18.21
CA GLU B 185 -24.00 30.59 -18.36
C GLU B 185 -23.68 29.95 -16.96
N LYS B 186 -23.85 28.63 -16.84
CA LYS B 186 -23.71 27.86 -15.56
C LYS B 186 -23.12 26.49 -15.89
N GLY B 187 -22.08 26.07 -15.19
CA GLY B 187 -21.58 24.73 -15.36
C GLY B 187 -20.77 24.18 -14.22
N VAL B 188 -20.18 23.01 -14.51
CA VAL B 188 -19.36 22.25 -13.58
C VAL B 188 -18.06 21.84 -14.30
N LYS B 189 -16.97 21.79 -13.53
CA LYS B 189 -15.71 21.16 -13.96
C LYS B 189 -15.12 20.46 -12.73
N PHE B 190 -14.40 19.36 -12.97
CA PHE B 190 -13.68 18.62 -11.92
C PHE B 190 -12.32 19.25 -11.64
N LEU B 191 -12.02 19.43 -10.35
CA LEU B 191 -10.69 19.82 -9.89
C LEU B 191 -9.83 18.58 -9.58
N THR B 192 -10.45 17.61 -8.93
CA THR B 192 -9.84 16.32 -8.65
C THR B 192 -10.89 15.24 -8.74
N LEU B 193 -10.44 14.06 -9.17
CA LEU B 193 -11.19 12.85 -9.18
C LEU B 193 -10.54 11.90 -8.15
N PRO B 194 -11.37 11.27 -7.27
CA PRO B 194 -10.80 10.52 -6.15
C PRO B 194 -10.12 9.23 -6.61
N PRO B 195 -9.30 8.62 -5.72
CA PRO B 195 -8.74 7.30 -5.96
C PRO B 195 -9.75 6.24 -6.31
N VAL B 196 -10.93 6.32 -5.73
CA VAL B 196 -11.96 5.33 -5.99
C VAL B 196 -13.20 6.10 -6.41
N LEU B 197 -13.59 5.84 -7.64
CA LEU B 197 -14.55 6.62 -8.35
C LEU B 197 -15.83 5.81 -8.40
N HIS B 198 -16.82 6.21 -7.60
CA HIS B 198 -18.13 5.59 -7.62
C HIS B 198 -18.97 6.37 -8.62
N LEU B 199 -19.40 5.67 -9.68
CA LEU B 199 -20.29 6.22 -10.70
C LEU B 199 -21.66 5.53 -10.67
N GLN B 200 -22.75 6.29 -10.59
CA GLN B 200 -24.12 5.77 -10.70
C GLN B 200 -24.78 6.21 -11.99
N LEU B 201 -25.47 5.28 -12.65
CA LEU B 201 -26.12 5.51 -13.93
C LEU B 201 -27.60 5.84 -13.69
N MET B 202 -28.06 6.99 -14.19
CA MET B 202 -29.42 7.47 -13.90
C MET B 202 -30.43 6.75 -14.78
N ARG B 203 -30.64 5.47 -14.44
CA ARG B 203 -31.54 4.56 -15.15
C ARG B 203 -33.01 4.59 -14.65
N PHE B 204 -33.23 5.00 -13.40
CA PHE B 204 -34.53 5.01 -12.73
C PHE B 204 -34.94 6.51 -12.70
N MET B 205 -35.52 6.95 -13.81
CA MET B 205 -35.91 8.33 -14.03
C MET B 205 -37.40 8.45 -13.82
N TYR B 206 -37.85 9.60 -13.30
CA TYR B 206 -39.29 9.91 -13.14
C TYR B 206 -39.97 10.04 -14.54
N ASP B 207 -41.25 9.62 -14.61
CA ASP B 207 -42.14 9.83 -15.78
C ASP B 207 -43.41 10.54 -15.23
N PRO B 208 -43.68 11.82 -15.63
CA PRO B 208 -44.87 12.52 -15.10
C PRO B 208 -46.26 11.90 -15.39
N GLN B 209 -46.38 11.16 -16.51
CA GLN B 209 -47.64 10.50 -16.92
C GLN B 209 -48.07 9.38 -15.95
N THR B 210 -47.12 8.50 -15.63
CA THR B 210 -47.34 7.39 -14.69
C THR B 210 -47.31 7.74 -13.20
N ASP B 211 -46.77 8.92 -12.84
CA ASP B 211 -46.44 9.26 -11.43
C ASP B 211 -45.69 8.09 -10.74
N GLN B 212 -44.63 7.62 -11.40
CA GLN B 212 -43.70 6.61 -10.88
C GLN B 212 -42.36 6.77 -11.60
N ASN B 213 -41.30 6.23 -11.00
CA ASN B 213 -40.00 6.06 -11.69
C ASN B 213 -40.05 4.80 -12.56
N ILE B 214 -39.50 4.90 -13.78
CA ILE B 214 -39.45 3.81 -14.78
C ILE B 214 -37.97 3.48 -15.01
N LYS B 215 -37.61 2.19 -14.98
CA LYS B 215 -36.24 1.81 -15.30
C LYS B 215 -36.08 1.90 -16.79
N ILE B 216 -34.92 2.42 -17.20
CA ILE B 216 -34.55 2.58 -18.59
C ILE B 216 -33.55 1.46 -18.86
N ASN B 217 -33.89 0.58 -19.80
CA ASN B 217 -33.03 -0.49 -20.31
C ASN B 217 -32.30 -0.18 -21.62
N ASP B 218 -32.28 1.08 -22.05
CA ASP B 218 -31.47 1.53 -23.20
C ASP B 218 -30.03 1.04 -23.07
N ARG B 219 -29.41 0.74 -24.21
CA ARG B 219 -27.98 0.41 -24.30
C ARG B 219 -27.13 1.59 -23.76
N PHE B 220 -26.12 1.26 -22.94
CA PHE B 220 -25.13 2.23 -22.43
C PHE B 220 -23.77 1.58 -22.19
N GLU B 221 -22.78 1.98 -22.98
CA GLU B 221 -21.46 1.36 -23.01
C GLU B 221 -20.52 2.02 -22.02
N PHE B 222 -19.69 1.22 -21.34
CA PHE B 222 -18.61 1.73 -20.50
C PHE B 222 -17.37 0.90 -20.75
N PRO B 223 -16.19 1.54 -20.76
CA PRO B 223 -14.98 0.79 -21.11
C PRO B 223 -14.40 0.10 -19.90
N GLU B 224 -13.46 -0.79 -20.17
CA GLU B 224 -12.56 -1.32 -19.16
C GLU B 224 -11.67 -0.18 -18.64
N GLN B 225 -11.07 0.60 -19.55
CA GLN B 225 -10.08 1.64 -19.24
C GLN B 225 -10.63 3.03 -19.56
N LEU B 226 -10.54 3.95 -18.60
CA LEU B 226 -11.30 5.19 -18.63
C LEU B 226 -10.39 6.41 -18.53
N PRO B 227 -10.06 7.03 -19.69
CA PRO B 227 -9.30 8.26 -19.67
C PRO B 227 -10.23 9.41 -19.35
N LEU B 228 -10.07 10.01 -18.16
CA LEU B 228 -10.86 11.18 -17.75
C LEU B 228 -10.07 12.50 -17.67
N ASP B 229 -8.87 12.58 -18.23
CA ASP B 229 -8.07 13.83 -18.21
C ASP B 229 -8.81 15.02 -18.87
N GLU B 230 -9.48 14.76 -20.01
CA GLU B 230 -10.30 15.76 -20.74
C GLU B 230 -11.29 16.60 -19.88
N PHE B 231 -11.76 16.00 -18.77
CA PHE B 231 -12.78 16.58 -17.88
C PHE B 231 -12.29 17.29 -16.61
N LEU B 232 -10.97 17.52 -16.50
CA LEU B 232 -10.37 18.31 -15.40
C LEU B 232 -10.06 19.74 -15.84
N GLN B 233 -10.04 20.67 -14.89
CA GLN B 233 -9.64 22.06 -15.14
C GLN B 233 -8.11 22.22 -15.41
N LYS B 234 -7.25 21.60 -14.59
CA LYS B 234 -5.78 21.51 -14.84
C LYS B 234 -5.32 20.07 -14.62
N THR B 235 -4.67 19.49 -15.62
CA THR B 235 -4.17 18.11 -15.53
C THR B 235 -2.88 18.08 -14.71
N ASP B 236 -2.43 16.86 -14.42
CA ASP B 236 -1.08 16.62 -13.91
C ASP B 236 -0.41 15.63 -14.87
N PRO B 237 0.72 16.05 -15.49
CA PRO B 237 1.53 15.10 -16.26
C PRO B 237 2.15 13.95 -15.44
N LYS B 238 2.46 14.20 -14.18
CA LYS B 238 2.95 13.16 -13.25
C LYS B 238 1.89 12.14 -12.80
N ASP B 239 0.60 12.53 -12.73
CA ASP B 239 -0.54 11.66 -12.31
C ASP B 239 -1.79 11.89 -13.21
N PRO B 240 -1.80 11.28 -14.42
CA PRO B 240 -2.93 11.43 -15.32
C PRO B 240 -4.10 10.55 -14.87
N ALA B 241 -5.29 10.95 -15.23
CA ALA B 241 -6.54 10.39 -14.68
C ALA B 241 -7.09 9.24 -15.54
N ASN B 242 -6.27 8.20 -15.69
CA ASN B 242 -6.69 6.96 -16.31
C ASN B 242 -7.21 6.12 -15.18
N TYR B 243 -8.39 5.56 -15.41
CA TYR B 243 -9.13 4.83 -14.40
C TYR B 243 -9.39 3.43 -14.95
N ILE B 244 -9.31 2.45 -14.07
CA ILE B 244 -9.54 1.03 -14.38
C ILE B 244 -10.87 0.63 -13.75
N LEU B 245 -11.62 -0.23 -14.45
CA LEU B 245 -12.93 -0.69 -14.01
C LEU B 245 -12.76 -1.81 -13.02
N HIS B 246 -13.31 -1.63 -11.81
CA HIS B 246 -13.22 -2.63 -10.73
C HIS B 246 -14.48 -3.52 -10.60
N ALA B 247 -15.64 -2.85 -10.50
CA ALA B 247 -16.94 -3.50 -10.23
C ALA B 247 -18.07 -2.98 -11.11
N VAL B 248 -18.88 -3.90 -11.60
CA VAL B 248 -20.07 -3.54 -12.34
C VAL B 248 -21.24 -4.07 -11.52
N LEU B 249 -21.94 -3.17 -10.86
CA LEU B 249 -23.15 -3.56 -10.13
C LEU B 249 -24.25 -3.62 -11.16
N VAL B 250 -24.97 -4.74 -11.19
CA VAL B 250 -25.92 -5.08 -12.24
C VAL B 250 -27.30 -5.41 -11.68
N HIS B 251 -28.33 -4.97 -12.43
CA HIS B 251 -29.74 -5.30 -12.19
C HIS B 251 -30.47 -5.86 -13.42
N SER B 252 -31.34 -6.86 -13.19
CA SER B 252 -32.19 -7.51 -14.22
C SER B 252 -33.65 -7.41 -13.83
N GLY B 253 -34.51 -7.18 -14.82
CA GLY B 253 -35.94 -6.84 -14.62
C GLY B 253 -36.14 -5.34 -14.72
N ASP B 254 -37.28 -4.84 -14.21
CA ASP B 254 -37.66 -3.39 -14.30
C ASP B 254 -38.03 -2.66 -12.97
N ASN B 255 -37.72 -3.27 -11.83
CA ASN B 255 -38.16 -2.80 -10.49
C ASN B 255 -37.28 -3.37 -9.36
N HIS B 256 -37.51 -2.93 -8.12
CA HIS B 256 -36.86 -3.48 -6.88
C HIS B 256 -36.86 -5.01 -6.65
N GLY B 257 -37.84 -5.71 -7.23
CA GLY B 257 -37.90 -7.17 -7.19
C GLY B 257 -36.70 -7.68 -7.95
N GLY B 258 -36.85 -7.74 -9.28
CA GLY B 258 -35.75 -7.93 -10.22
C GLY B 258 -34.67 -8.90 -9.78
N HIS B 259 -33.40 -8.53 -9.93
CA HIS B 259 -32.26 -9.46 -9.65
C HIS B 259 -30.96 -8.68 -9.66
N TYR B 260 -30.36 -8.55 -8.46
CA TYR B 260 -29.17 -7.75 -8.26
C TYR B 260 -27.94 -8.61 -8.20
N VAL B 261 -26.98 -8.32 -9.06
CA VAL B 261 -25.72 -9.08 -9.12
C VAL B 261 -24.62 -8.03 -9.12
N VAL B 262 -23.44 -8.43 -8.66
CA VAL B 262 -22.24 -7.63 -8.82
C VAL B 262 -21.13 -8.48 -9.43
N TYR B 263 -20.47 -7.90 -10.44
CA TYR B 263 -19.32 -8.45 -11.13
C TYR B 263 -18.15 -7.61 -10.66
N LEU B 264 -17.08 -8.29 -10.34
CA LEU B 264 -15.93 -7.66 -9.76
C LEU B 264 -14.69 -8.27 -10.33
N ASN B 265 -13.62 -7.53 -10.17
CA ASN B 265 -12.30 -7.82 -10.71
C ASN B 265 -11.39 -7.62 -9.47
N PRO B 266 -11.61 -8.41 -8.40
CA PRO B 266 -11.18 -8.05 -7.03
C PRO B 266 -9.75 -7.59 -6.84
N LYS B 267 -8.82 -8.31 -7.48
CA LYS B 267 -7.39 -7.98 -7.49
C LYS B 267 -6.96 -6.83 -8.45
N GLY B 268 -7.82 -6.40 -9.37
CA GLY B 268 -7.44 -5.46 -10.43
C GLY B 268 -6.66 -6.07 -11.58
N ASP B 269 -6.52 -7.40 -11.59
CA ASP B 269 -5.81 -8.14 -12.63
C ASP B 269 -6.59 -8.09 -13.97
N GLY B 270 -7.88 -8.38 -13.92
CA GLY B 270 -8.73 -8.72 -15.09
C GLY B 270 -9.18 -10.19 -15.14
N LYS B 271 -9.10 -10.88 -14.01
CA LYS B 271 -9.69 -12.18 -13.80
C LYS B 271 -10.94 -11.85 -12.95
N TRP B 272 -12.09 -11.81 -13.62
CA TRP B 272 -13.37 -11.37 -13.04
C TRP B 272 -14.21 -12.51 -12.42
N CYS B 273 -15.04 -12.14 -11.43
CA CYS B 273 -16.04 -13.03 -10.83
C CYS B 273 -17.37 -12.33 -10.66
N LYS B 274 -18.43 -13.15 -10.66
CA LYS B 274 -19.82 -12.77 -10.51
C LYS B 274 -20.26 -13.20 -9.12
N PHE B 275 -20.94 -12.29 -8.42
CA PHE B 275 -21.41 -12.50 -7.04
C PHE B 275 -22.94 -12.39 -7.00
N ASP B 276 -23.60 -13.54 -6.90
CA ASP B 276 -25.07 -13.66 -6.89
C ASP B 276 -25.46 -14.23 -5.53
N ASP B 277 -25.34 -13.38 -4.52
CA ASP B 277 -25.57 -13.71 -3.11
C ASP B 277 -24.61 -14.85 -2.68
N ASP B 278 -25.12 -16.04 -2.37
CA ASP B 278 -24.27 -17.17 -1.91
C ASP B 278 -23.37 -17.82 -2.97
N VAL B 279 -23.73 -17.63 -4.24
CA VAL B 279 -23.02 -18.19 -5.38
C VAL B 279 -22.02 -17.15 -5.87
N VAL B 280 -20.75 -17.53 -5.85
CA VAL B 280 -19.67 -16.76 -6.44
C VAL B 280 -19.08 -17.69 -7.50
N SER B 281 -19.26 -17.32 -8.76
CA SER B 281 -18.68 -18.05 -9.90
C SER B 281 -17.64 -17.19 -10.63
N ARG B 282 -16.66 -17.86 -11.23
CA ARG B 282 -15.74 -17.21 -12.17
C ARG B 282 -16.52 -16.93 -13.46
N CYS B 283 -16.11 -15.89 -14.18
CA CYS B 283 -16.76 -15.49 -15.44
C CYS B 283 -15.83 -14.72 -16.36
N THR B 284 -16.29 -14.49 -17.58
CA THR B 284 -15.50 -13.79 -18.59
C THR B 284 -15.52 -12.29 -18.30
N LYS B 285 -14.46 -11.63 -18.77
CA LYS B 285 -14.39 -10.18 -18.92
C LYS B 285 -15.62 -9.63 -19.68
N GLU B 286 -16.13 -10.40 -20.64
CA GLU B 286 -17.31 -10.04 -21.46
C GLU B 286 -18.69 -10.26 -20.74
N GLU B 287 -18.82 -11.31 -19.90
CA GLU B 287 -20.03 -11.47 -19.04
C GLU B 287 -20.17 -10.37 -17.97
N ALA B 288 -19.05 -9.71 -17.66
CA ALA B 288 -18.99 -8.60 -16.72
C ALA B 288 -19.18 -7.20 -17.38
N ILE B 289 -18.59 -6.99 -18.56
CA ILE B 289 -18.59 -5.69 -19.25
C ILE B 289 -19.70 -5.67 -20.33
N GLU B 290 -19.40 -6.05 -21.57
CA GLU B 290 -20.32 -5.86 -22.72
C GLU B 290 -21.77 -6.38 -22.47
N HIS B 291 -21.91 -7.52 -21.78
CA HIS B 291 -23.23 -8.15 -21.52
C HIS B 291 -24.16 -7.34 -20.62
N ASN B 292 -23.62 -6.38 -19.90
CA ASN B 292 -24.39 -5.43 -19.09
C ASN B 292 -24.45 -4.00 -19.68
N TYR B 293 -24.19 -3.88 -20.97
CA TYR B 293 -24.38 -2.65 -21.67
C TYR B 293 -25.87 -2.36 -21.88
N GLY B 294 -26.69 -3.42 -22.00
CA GLY B 294 -28.10 -3.30 -22.36
C GLY B 294 -28.30 -3.39 -23.85
N GLY B 295 -29.39 -2.81 -24.35
CA GLY B 295 -29.75 -2.82 -25.78
C GLY B 295 -30.78 -3.89 -26.13
N HIS B 304 -32.58 -5.64 -23.75
CA HIS B 304 -32.38 -6.62 -22.67
C HIS B 304 -32.59 -5.89 -21.33
N CYS B 305 -33.39 -6.51 -20.45
CA CYS B 305 -33.63 -6.01 -19.11
C CYS B 305 -32.39 -5.99 -18.19
N THR B 306 -31.39 -6.87 -18.43
CA THR B 306 -30.11 -6.91 -17.66
C THR B 306 -29.14 -5.80 -18.06
N ASN B 307 -28.81 -4.94 -17.11
CA ASN B 307 -27.84 -3.87 -17.33
C ASN B 307 -27.35 -3.22 -16.04
N ALA B 308 -26.18 -2.60 -16.20
CA ALA B 308 -25.43 -1.95 -15.15
C ALA B 308 -26.12 -0.66 -14.70
N TYR B 309 -26.27 -0.49 -13.37
CA TYR B 309 -26.68 0.79 -12.73
C TYR B 309 -25.56 1.54 -12.01
N MET B 310 -24.55 0.84 -11.53
CA MET B 310 -23.45 1.47 -10.86
C MET B 310 -22.18 0.77 -11.30
N LEU B 311 -21.13 1.58 -11.35
CA LEU B 311 -19.79 1.20 -11.75
C LEU B 311 -18.82 1.77 -10.75
N VAL B 312 -17.79 0.97 -10.42
CA VAL B 312 -16.65 1.43 -9.60
C VAL B 312 -15.38 1.39 -10.44
N TYR B 313 -14.76 2.55 -10.58
CA TYR B 313 -13.45 2.68 -11.23
C TYR B 313 -12.38 3.04 -10.17
N ILE B 314 -11.21 2.41 -10.26
CA ILE B 314 -10.03 2.81 -9.43
C ILE B 314 -8.98 3.43 -10.37
N ARG B 315 -8.31 4.48 -9.88
CA ARG B 315 -7.27 5.19 -10.64
C ARG B 315 -6.00 4.36 -10.64
N GLU B 316 -5.42 4.17 -11.84
CA GLU B 316 -4.23 3.30 -12.06
C GLU B 316 -3.07 3.62 -11.11
N SER B 317 -2.79 4.91 -10.97
CA SER B 317 -1.79 5.37 -10.03
C SER B 317 -2.02 4.94 -8.56
N LYS B 318 -3.28 4.82 -8.12
CA LYS B 318 -3.60 4.31 -6.76
C LYS B 318 -4.08 2.86 -6.70
N LEU B 319 -4.00 2.11 -7.79
CA LEU B 319 -4.59 0.77 -7.82
C LEU B 319 -3.99 -0.19 -6.81
N SER B 320 -2.67 -0.16 -6.69
CA SER B 320 -1.96 -1.09 -5.80
C SER B 320 -2.19 -0.75 -4.35
N GLU B 321 -2.11 0.54 -4.05
CA GLU B 321 -2.45 1.09 -2.74
C GLU B 321 -3.89 0.73 -2.40
N VAL B 322 -4.83 1.01 -3.32
CA VAL B 322 -6.25 0.76 -3.05
C VAL B 322 -6.49 -0.73 -2.84
N LEU B 323 -5.96 -1.56 -3.75
CA LEU B 323 -6.08 -3.04 -3.70
C LEU B 323 -4.95 -3.78 -2.93
N GLN B 324 -4.25 -3.06 -2.02
CA GLN B 324 -3.17 -3.61 -1.20
C GLN B 324 -3.67 -4.90 -0.61
N ALA B 325 -2.83 -5.92 -0.62
CA ALA B 325 -3.21 -7.22 -0.11
C ALA B 325 -3.63 -7.17 1.37
N VAL B 326 -4.51 -8.11 1.74
CA VAL B 326 -4.99 -8.26 3.12
C VAL B 326 -4.62 -9.66 3.65
N THR B 327 -4.21 -9.71 4.90
CA THR B 327 -3.87 -10.93 5.63
C THR B 327 -4.80 -11.03 6.82
N ASP B 328 -4.93 -12.25 7.36
CA ASP B 328 -5.54 -12.50 8.70
C ASP B 328 -4.92 -11.71 9.85
N HIS B 329 -3.64 -11.38 9.72
CA HIS B 329 -2.91 -10.54 10.68
C HIS B 329 -3.35 -9.04 10.70
N ASP B 330 -4.04 -8.57 9.65
CA ASP B 330 -4.57 -7.21 9.58
C ASP B 330 -5.81 -6.91 10.42
N ILE B 331 -6.44 -7.92 11.02
CA ILE B 331 -7.56 -7.74 11.96
C ILE B 331 -7.00 -7.76 13.40
N PRO B 332 -7.26 -6.71 14.23
CA PRO B 332 -6.78 -6.74 15.64
C PRO B 332 -7.39 -7.87 16.47
N GLN B 333 -6.55 -8.57 17.24
CA GLN B 333 -6.95 -9.78 17.98
C GLN B 333 -8.05 -9.56 19.02
N GLN B 334 -8.12 -8.36 19.63
CA GLN B 334 -9.25 -7.97 20.50
C GLN B 334 -10.59 -8.10 19.77
N LEU B 335 -10.64 -7.55 18.55
CA LEU B 335 -11.80 -7.69 17.66
C LEU B 335 -12.02 -9.10 17.16
N VAL B 336 -10.96 -9.77 16.73
CA VAL B 336 -11.07 -11.18 16.31
C VAL B 336 -11.69 -12.02 17.43
N GLU B 337 -11.24 -11.78 18.66
CA GLU B 337 -11.76 -12.46 19.86
C GLU B 337 -13.24 -12.18 20.07
N ARG B 338 -13.61 -10.91 20.11
CA ARG B 338 -15.02 -10.51 20.28
C ARG B 338 -15.97 -11.14 19.23
N LEU B 339 -15.51 -11.25 17.99
CA LEU B 339 -16.32 -11.84 16.91
C LEU B 339 -16.50 -13.35 17.09
N GLN B 340 -15.38 -14.06 17.33
CA GLN B 340 -15.40 -15.51 17.64
C GLN B 340 -16.24 -15.81 18.92
N GLU B 341 -16.17 -14.91 19.91
CA GLU B 341 -17.00 -14.94 21.15
C GLU B 341 -18.50 -14.90 20.84
N GLU B 342 -18.88 -14.03 19.91
CA GLU B 342 -20.26 -13.93 19.45
C GLU B 342 -20.72 -15.15 18.67
N LYS B 343 -19.88 -15.63 17.75
CA LYS B 343 -20.07 -16.93 17.07
C LYS B 343 -20.34 -18.11 18.04
N ARG B 344 -19.59 -18.14 19.14
CA ARG B 344 -19.73 -19.18 20.18
C ARG B 344 -21.00 -19.02 21.01
N ILE B 345 -21.35 -17.78 21.38
CA ILE B 345 -22.61 -17.48 22.10
C ILE B 345 -23.85 -17.88 21.24
N GLU B 346 -23.85 -17.50 19.96
CA GLU B 346 -24.87 -17.94 18.98
C GLU B 346 -24.90 -19.48 18.78
N ALA B 347 -23.75 -20.13 18.89
CA ALA B 347 -23.66 -21.60 18.88
C ALA B 347 -24.35 -22.32 20.08
N GLN B 348 -24.43 -21.68 21.26
CA GLN B 348 -25.18 -22.26 22.43
C GLN B 348 -26.71 -22.07 22.43
N LYS B 349 -27.25 -21.17 21.59
CA LYS B 349 -28.72 -20.92 21.50
C LYS B 349 -29.51 -21.93 20.64
N ARG B 350 -28.99 -22.23 19.44
CA ARG B 350 -29.67 -23.03 18.39
C ARG B 350 -30.06 -24.47 18.79
C1 R4D C . 35.80 -0.54 5.09
C2 R4D C . 35.17 -1.75 4.41
C3 R4D C . 35.77 -2.01 3.00
C4 R4D C . 35.05 -3.13 2.27
C5 R4D C . 35.44 -4.43 2.57
C6 R4D C . 34.83 -5.52 1.96
C7 R4D C . 33.82 -5.31 1.03
C8 R4D C . 33.41 -4.02 0.73
C15 R4D C . 30.87 -4.73 5.11
C17 R4D C . 30.60 -3.55 4.15
C18 R4D C . 31.24 -2.23 4.65
C19 R4D C . 30.27 -6.06 4.57
C21 R4D C . 31.81 -7.82 5.20
N22 R4D C . 32.36 -8.71 5.98
C23 R4D C . 31.74 -9.16 7.12
C24 R4D C . 32.34 -10.15 7.92
C27 R4D C . 29.82 -9.14 8.61
C9 R4D C . 34.03 -2.92 1.34
C10 R4D C . 33.65 -1.60 4.28
O11 R4D C . 33.29 -0.68 3.55
N12 R4D C . 32.71 -2.42 4.84
C13 R4D C . 33.03 -3.51 5.76
C14 R4D C . 32.40 -4.82 5.30
O16 R4D C . 30.25 -4.47 6.36
N20 R4D C . 30.63 -7.18 5.47
C25 R4D C . 31.70 -10.60 9.06
C26 R4D C . 30.43 -10.10 9.40
C28 R4D C . 30.43 -8.66 7.43
C29 R4D C . 29.88 -7.59 6.56
O30 R4D C . 28.86 -7.02 6.87
C1 R4D D . -35.41 -0.13 -6.63
C2 R4D D . -34.47 0.28 -7.77
C3 R4D D . -34.63 -0.65 -9.01
C4 R4D D . -33.61 -0.36 -10.10
C5 R4D D . -33.89 0.67 -10.98
C6 R4D D . -33.00 1.01 -12.00
C7 R4D D . -31.82 0.30 -12.15
C8 R4D D . -31.52 -0.74 -11.27
C15 R4D D . -30.18 3.28 -8.42
C17 R4D D . -29.80 1.83 -8.06
C18 R4D D . -30.71 1.25 -6.95
C19 R4D D . -29.28 3.84 -9.57
C21 R4D D . -30.72 5.28 -10.90
N22 R4D D . -31.34 6.39 -11.22
C23 R4D D . -31.01 7.60 -10.68
C24 R4D D . -31.66 8.78 -11.07
C27 R4D D . -29.56 8.91 -9.22
C9 R4D D . -32.41 -1.08 -10.25
C10 R4D D . -33.00 0.27 -7.33
O11 R4D D . -32.58 -0.82 -7.02
N12 R4D D . -32.15 1.33 -7.35
C13 R4D D . -32.56 2.71 -7.68
C14 R4D D . -31.68 3.31 -8.76
O16 R4D D . -29.93 4.10 -7.28
N20 R4D D . -29.74 5.20 -9.94
C25 R4D D . -31.29 10.00 -10.53
C26 R4D D . -30.24 10.06 -9.62
C28 R4D D . -29.90 7.66 -9.76
C29 R4D D . -29.26 6.36 -9.36
O30 R4D D . -28.44 6.35 -8.47
#